data_3IKH
#
_entry.id   3IKH
#
_cell.length_a   54.332
_cell.length_b   106.352
_cell.length_c   122.056
_cell.angle_alpha   90.00
_cell.angle_beta   99.51
_cell.angle_gamma   90.00
#
_symmetry.space_group_name_H-M   'P 1 21 1'
#
loop_
_entity.id
_entity.type
_entity.pdbx_description
1 polymer 'Carbohydrate kinase'
2 non-polymer "ADENOSINE-5'-TRIPHOSPHATE"
3 non-polymer GLYCEROL
4 water water
#
_entity_poly.entity_id   1
_entity_poly.type   'polypeptide(L)'
_entity_poly.pdbx_seq_one_letter_code
;(MSE)SLRVYVTGNITVDETWSIPDIPKKGASIHGVKVSQDIGGKGANQAIILSRCGIETRLIAATGNDSNGAWIRQQIK
NEPL(MSE)LLPDGHFNQHSDTSIILNSADGDNAIITTTAAADTFSLDE(MSE)IPH(MSE)ADAVAGDILLQQGNFSLD
KTRALFQYARSRG(MSE)TTVFNPSPVNPDFCHLWPLIDIAVVNESEAELLQPYGVKTLVITQGAAGAWLVQEGQRQFCP
AVPAEALDTTGAGDTFLAV(MSE)LASALLRGVAPDALALAHASRAAAITVSRRGTLSAFPGSRELAALLTTDGAEGHHH
HHH
;
_entity_poly.pdbx_strand_id   A,B,C,D
#
loop_
_chem_comp.id
_chem_comp.type
_chem_comp.name
_chem_comp.formula
ATP non-polymer ADENOSINE-5'-TRIPHOSPHATE 'C10 H16 N5 O13 P3'
GOL non-polymer GLYCEROL 'C3 H8 O3'
#
# COMPACT_ATOMS: atom_id res chain seq x y z
N SER A 2 14.01 -15.11 36.00
CA SER A 2 14.73 -13.82 36.11
C SER A 2 16.14 -13.77 35.53
N LEU A 3 16.68 -14.92 35.11
CA LEU A 3 17.98 -14.94 34.45
C LEU A 3 17.59 -14.44 33.05
N ARG A 4 18.48 -13.71 32.39
CA ARG A 4 18.15 -13.19 31.05
C ARG A 4 19.11 -13.75 30.00
N VAL A 5 18.69 -13.71 28.74
CA VAL A 5 19.52 -14.22 27.67
C VAL A 5 19.88 -13.16 26.66
N TYR A 6 21.17 -13.09 26.34
CA TYR A 6 21.68 -12.14 25.36
C TYR A 6 22.16 -12.96 24.16
N VAL A 7 21.55 -12.72 23.00
CA VAL A 7 21.94 -13.45 21.80
C VAL A 7 22.66 -12.53 20.82
N THR A 8 23.94 -12.79 20.60
CA THR A 8 24.72 -12.00 19.65
C THR A 8 24.89 -12.84 18.40
N GLY A 9 24.14 -12.49 17.37
CA GLY A 9 24.20 -13.25 16.13
C GLY A 9 23.67 -12.46 14.95
N ASN A 10 23.00 -13.14 14.03
CA ASN A 10 22.49 -12.45 12.85
C ASN A 10 20.97 -12.43 12.74
N ILE A 11 20.48 -11.70 11.75
CA ILE A 11 19.05 -11.64 11.47
C ILE A 11 18.97 -11.38 9.97
N THR A 12 18.11 -12.10 9.28
CA THR A 12 18.00 -11.98 7.83
C THR A 12 16.57 -11.94 7.31
N VAL A 13 16.46 -11.86 5.99
CA VAL A 13 15.18 -11.94 5.31
C VAL A 13 15.42 -13.12 4.38
N ASP A 14 14.64 -14.19 4.54
CA ASP A 14 14.78 -15.34 3.67
C ASP A 14 13.68 -15.20 2.62
N GLU A 15 14.11 -15.03 1.37
CA GLU A 15 13.17 -14.87 0.25
C GLU A 15 12.99 -16.15 -0.53
N THR A 16 11.76 -16.62 -0.64
CA THR A 16 11.49 -17.83 -1.39
C THR A 16 11.04 -17.48 -2.79
N TRP A 17 11.86 -17.84 -3.79
CA TRP A 17 11.56 -17.55 -5.19
C TRP A 17 11.21 -18.81 -5.96
N SER A 18 10.12 -18.75 -6.71
CA SER A 18 9.69 -19.88 -7.52
C SER A 18 10.07 -19.64 -8.97
N ILE A 19 10.83 -20.58 -9.55
CA ILE A 19 11.23 -20.47 -10.94
C ILE A 19 11.13 -21.85 -11.59
N PRO A 20 10.97 -21.89 -12.93
CA PRO A 20 10.87 -23.16 -13.64
C PRO A 20 12.11 -24.01 -13.41
N ASP A 21 13.27 -23.36 -13.47
CA ASP A 21 14.54 -24.03 -13.25
C ASP A 21 15.63 -22.98 -13.08
N ILE A 22 16.74 -23.38 -12.46
CA ILE A 22 17.85 -22.44 -12.24
C ILE A 22 18.42 -22.02 -13.59
N PRO A 23 18.43 -20.70 -13.86
CA PRO A 23 18.95 -20.16 -15.12
C PRO A 23 20.45 -20.33 -15.28
N LYS A 24 20.87 -20.62 -16.50
CA LYS A 24 22.29 -20.78 -16.79
C LYS A 24 22.90 -19.41 -16.97
N LYS A 25 24.23 -19.35 -16.96
CA LYS A 25 24.90 -18.07 -17.15
C LYS A 25 24.48 -17.48 -18.52
N GLY A 26 24.17 -16.20 -18.54
CA GLY A 26 23.74 -15.56 -19.77
C GLY A 26 22.25 -15.63 -20.01
N ALA A 27 21.56 -16.44 -19.20
CA ALA A 27 20.11 -16.61 -19.36
C ALA A 27 19.36 -15.56 -18.55
N SER A 28 18.11 -15.32 -18.94
CA SER A 28 17.25 -14.38 -18.25
C SER A 28 15.86 -15.01 -18.27
N ILE A 29 15.30 -15.21 -17.09
CA ILE A 29 13.99 -15.84 -16.98
C ILE A 29 13.04 -15.06 -16.09
N HIS A 30 11.80 -15.53 -16.03
CA HIS A 30 10.80 -14.93 -15.19
C HIS A 30 10.66 -15.79 -13.95
N GLY A 31 10.41 -15.16 -12.82
CA GLY A 31 10.25 -15.90 -11.59
C GLY A 31 9.21 -15.26 -10.71
N VAL A 32 8.88 -15.94 -9.62
CA VAL A 32 7.90 -15.43 -8.70
C VAL A 32 8.49 -15.32 -7.30
N LYS A 33 8.43 -14.13 -6.74
CA LYS A 33 8.91 -13.90 -5.38
C LYS A 33 7.65 -14.23 -4.59
N VAL A 34 7.54 -15.48 -4.18
CA VAL A 34 6.36 -15.95 -3.45
C VAL A 34 6.25 -15.52 -1.99
N SER A 35 7.36 -15.52 -1.25
CA SER A 35 7.29 -15.15 0.15
C SER A 35 8.60 -14.69 0.76
N GLN A 36 8.50 -14.00 1.90
CA GLN A 36 9.65 -13.51 2.64
C GLN A 36 9.38 -13.81 4.10
N ASP A 37 10.42 -14.22 4.83
CA ASP A 37 10.30 -14.52 6.25
C ASP A 37 11.55 -14.02 6.97
N ILE A 38 11.42 -13.60 8.22
CA ILE A 38 12.59 -13.18 8.98
C ILE A 38 13.35 -14.46 9.28
N GLY A 39 14.65 -14.48 9.04
CA GLY A 39 15.44 -15.68 9.28
C GLY A 39 16.73 -15.40 10.05
N GLY A 40 17.66 -16.34 10.00
CA GLY A 40 18.92 -16.19 10.71
C GLY A 40 18.88 -17.00 12.00
N LYS A 41 19.91 -17.81 12.26
CA LYS A 41 19.93 -18.64 13.47
C LYS A 41 19.85 -17.81 14.74
N GLY A 42 20.53 -16.66 14.74
CA GLY A 42 20.48 -15.81 15.91
C GLY A 42 19.06 -15.34 16.20
N ALA A 43 18.40 -14.77 15.20
CA ALA A 43 17.04 -14.28 15.37
C ALA A 43 16.05 -15.40 15.71
N ASN A 44 16.12 -16.52 15.00
CA ASN A 44 15.20 -17.63 15.26
C ASN A 44 15.32 -18.09 16.71
N GLN A 45 16.54 -18.31 17.17
CA GLN A 45 16.74 -18.77 18.54
C GLN A 45 16.28 -17.71 19.56
N ALA A 46 16.62 -16.45 19.34
CA ALA A 46 16.22 -15.39 20.28
C ALA A 46 14.70 -15.24 20.33
N ILE A 47 14.06 -15.28 19.17
CA ILE A 47 12.61 -15.13 19.11
C ILE A 47 11.86 -16.26 19.82
N ILE A 48 12.29 -17.50 19.57
CA ILE A 48 11.63 -18.63 20.22
C ILE A 48 11.85 -18.58 21.73
N LEU A 49 13.04 -18.16 22.16
CA LEU A 49 13.33 -18.04 23.59
C LEU A 49 12.38 -17.01 24.22
N SER A 50 12.18 -15.90 23.52
CA SER A 50 11.29 -14.84 24.03
C SER A 50 9.85 -15.34 24.08
N ARG A 51 9.48 -16.20 23.13
CA ARG A 51 8.11 -16.74 23.12
C ARG A 51 7.87 -17.68 24.30
N CYS A 52 8.94 -18.26 24.83
CA CYS A 52 8.86 -19.17 25.98
C CYS A 52 8.79 -18.37 27.27
N GLY A 53 8.87 -17.04 27.16
CA GLY A 53 8.80 -16.21 28.34
C GLY A 53 10.14 -15.85 28.94
N ILE A 54 11.23 -16.11 28.22
CA ILE A 54 12.56 -15.77 28.72
C ILE A 54 12.86 -14.35 28.23
N GLU A 55 13.24 -13.46 29.14
CA GLU A 55 13.56 -12.09 28.72
C GLU A 55 14.81 -12.20 27.88
N THR A 56 14.66 -11.93 26.59
CA THR A 56 15.75 -12.08 25.63
C THR A 56 16.07 -10.82 24.86
N ARG A 57 17.37 -10.60 24.65
CA ARG A 57 17.83 -9.46 23.89
C ARG A 57 18.59 -9.99 22.67
N LEU A 58 18.15 -9.60 21.49
CA LEU A 58 18.81 -10.04 20.26
C LEU A 58 19.68 -8.88 19.81
N ILE A 59 20.99 -9.14 19.75
CA ILE A 59 21.96 -8.17 19.33
C ILE A 59 22.40 -8.59 17.95
N ALA A 60 21.84 -7.93 16.93
CA ALA A 60 22.15 -8.25 15.55
C ALA A 60 22.01 -7.00 14.69
N ALA A 61 22.74 -6.97 13.58
CA ALA A 61 22.71 -5.80 12.70
C ALA A 61 21.80 -5.91 11.49
N THR A 62 21.18 -4.79 11.15
CA THR A 62 20.31 -4.69 9.98
C THR A 62 20.87 -3.53 9.15
N GLY A 63 20.55 -3.50 7.86
CA GLY A 63 21.07 -2.45 6.99
C GLY A 63 20.06 -1.39 6.60
N ASN A 64 20.46 -0.48 5.73
CA ASN A 64 19.58 0.59 5.31
C ASN A 64 18.90 0.35 3.97
N ASP A 65 18.38 -0.86 3.77
CA ASP A 65 17.68 -1.19 2.54
C ASP A 65 16.26 -1.62 2.87
N SER A 66 15.51 -2.02 1.84
CA SER A 66 14.13 -2.43 2.04
C SER A 66 14.00 -3.63 2.98
N ASN A 67 14.88 -4.61 2.85
CA ASN A 67 14.82 -5.78 3.73
C ASN A 67 15.08 -5.36 5.18
N GLY A 68 15.90 -4.33 5.35
CA GLY A 68 16.20 -3.85 6.69
C GLY A 68 14.99 -3.26 7.39
N ALA A 69 14.28 -2.39 6.69
CA ALA A 69 13.09 -1.77 7.26
C ALA A 69 12.06 -2.86 7.57
N TRP A 70 11.94 -3.83 6.67
CA TRP A 70 11.00 -4.93 6.85
C TRP A 70 11.33 -5.72 8.12
N ILE A 71 12.60 -6.02 8.31
CA ILE A 71 13.03 -6.77 9.49
C ILE A 71 12.64 -5.99 10.74
N ARG A 72 13.07 -4.73 10.80
CA ARG A 72 12.78 -3.90 11.95
C ARG A 72 11.29 -3.75 12.22
N GLN A 73 10.49 -3.85 11.17
CA GLN A 73 9.04 -3.73 11.33
C GLN A 73 8.45 -5.05 11.84
N GLN A 74 8.79 -6.15 11.17
CA GLN A 74 8.29 -7.47 11.54
C GLN A 74 8.73 -7.97 12.91
N ILE A 75 9.92 -7.57 13.34
CA ILE A 75 10.42 -8.02 14.64
C ILE A 75 9.60 -7.44 15.80
N LYS A 76 8.93 -6.31 15.55
CA LYS A 76 8.11 -5.67 16.58
C LYS A 76 6.95 -6.54 17.02
N ASN A 77 6.60 -7.54 16.20
CA ASN A 77 5.51 -8.44 16.56
C ASN A 77 5.95 -9.49 17.58
N GLU A 78 7.25 -9.59 17.84
CA GLU A 78 7.75 -10.59 18.79
C GLU A 78 8.14 -9.92 20.12
N PRO A 79 7.95 -10.64 21.24
CA PRO A 79 8.24 -10.16 22.60
C PRO A 79 9.74 -10.11 22.90
N LEU A 80 10.50 -9.69 21.90
CA LEU A 80 11.94 -9.62 21.99
C LEU A 80 12.40 -8.19 21.75
N MSE A 81 13.59 -7.86 22.22
CA MSE A 81 14.15 -6.53 22.04
C MSE A 81 15.29 -6.72 21.02
O MSE A 81 16.14 -7.59 21.19
CB MSE A 81 14.69 -6.03 23.37
CG MSE A 81 14.92 -4.54 23.45
SE MSE A 81 15.55 -4.00 25.22
CE MSE A 81 13.95 -4.38 26.23
N LEU A 82 15.28 -5.93 19.95
CA LEU A 82 16.33 -6.00 18.95
C LEU A 82 17.27 -4.82 19.08
N LEU A 83 18.54 -5.11 19.35
CA LEU A 83 19.53 -4.05 19.50
C LEU A 83 20.69 -4.21 18.52
N PRO A 84 21.24 -3.09 18.04
CA PRO A 84 20.82 -1.73 18.40
C PRO A 84 19.67 -1.25 17.52
N ASP A 85 19.04 -0.15 17.90
CA ASP A 85 17.96 0.41 17.11
C ASP A 85 18.62 1.11 15.91
N GLY A 86 17.83 1.55 14.96
CA GLY A 86 18.41 2.21 13.81
C GLY A 86 19.01 1.15 12.90
N HIS A 87 20.14 1.45 12.28
CA HIS A 87 20.72 0.46 11.40
C HIS A 87 22.05 0.88 10.87
N PHE A 88 22.62 0.00 10.06
CA PHE A 88 23.89 0.23 9.43
C PHE A 88 23.55 0.27 7.97
N ASN A 89 24.33 -0.40 7.12
CA ASN A 89 24.10 -0.37 5.66
C ASN A 89 24.40 -1.71 5.05
N GLN A 90 23.68 -2.09 3.97
CA GLN A 90 23.93 -3.35 3.29
C GLN A 90 23.01 -4.53 3.37
N HIS A 91 23.04 -5.33 4.45
CA HIS A 91 21.97 -6.35 4.65
C HIS A 91 21.78 -7.86 4.39
N SER A 92 22.02 -8.70 5.42
CA SER A 92 21.88 -10.16 5.37
C SER A 92 20.50 -10.74 5.02
N ASP A 93 20.53 -11.72 4.12
CA ASP A 93 19.37 -12.43 3.61
C ASP A 93 19.76 -13.52 2.67
N THR A 94 18.82 -14.43 2.48
CA THR A 94 19.04 -15.55 1.60
C THR A 94 17.93 -15.68 0.55
N SER A 95 18.35 -15.95 -0.68
CA SER A 95 17.42 -16.15 -1.78
C SER A 95 17.29 -17.66 -1.92
N ILE A 96 16.10 -18.16 -1.65
CA ILE A 96 15.80 -19.58 -1.72
C ILE A 96 15.14 -19.87 -3.07
N ILE A 97 15.95 -20.38 -3.99
CA ILE A 97 15.51 -20.70 -5.35
C ILE A 97 14.77 -22.03 -5.41
N LEU A 98 13.44 -21.95 -5.50
CA LEU A 98 12.60 -23.15 -5.58
C LEU A 98 12.25 -23.46 -7.03
N ASN A 99 12.85 -24.51 -7.55
CA ASN A 99 12.64 -24.93 -8.93
C ASN A 99 11.40 -25.80 -9.12
N SER A 100 11.08 -26.06 -10.39
CA SER A 100 9.92 -26.88 -10.74
C SER A 100 10.26 -28.36 -10.69
N ALA A 101 10.28 -29.00 -11.86
CA ALA A 101 10.61 -30.43 -11.95
C ALA A 101 11.90 -30.67 -11.19
N ASP A 102 12.76 -29.66 -11.17
CA ASP A 102 14.03 -29.74 -10.47
C ASP A 102 13.80 -30.18 -9.04
N GLY A 103 14.72 -30.97 -8.53
CA GLY A 103 14.60 -31.46 -7.18
C GLY A 103 14.74 -30.38 -6.11
N ASP A 104 15.84 -30.44 -5.39
CA ASP A 104 16.12 -29.53 -4.29
C ASP A 104 16.28 -28.07 -4.67
N ASN A 105 16.17 -27.20 -3.67
CA ASN A 105 16.30 -25.77 -3.88
C ASN A 105 17.78 -25.40 -3.87
N ALA A 106 18.07 -24.23 -4.43
CA ALA A 106 19.42 -23.70 -4.46
C ALA A 106 19.34 -22.49 -3.54
N ILE A 107 20.34 -22.29 -2.70
CA ILE A 107 20.34 -21.17 -1.77
C ILE A 107 21.56 -20.26 -1.93
N ILE A 108 21.31 -18.96 -1.94
CA ILE A 108 22.38 -17.96 -2.03
C ILE A 108 22.19 -17.09 -0.79
N THR A 109 23.25 -16.93 -0.01
CA THR A 109 23.17 -16.17 1.21
C THR A 109 24.22 -15.07 1.34
N THR A 110 23.81 -13.92 1.86
CA THR A 110 24.72 -12.80 2.06
C THR A 110 24.92 -12.63 3.56
N THR A 111 26.08 -12.09 3.96
CA THR A 111 26.39 -11.94 5.37
C THR A 111 27.09 -10.62 5.72
N ALA A 112 27.02 -9.66 4.81
CA ALA A 112 27.67 -8.36 5.02
C ALA A 112 27.38 -7.66 6.34
N ALA A 113 26.12 -7.66 6.79
CA ALA A 113 25.77 -7.01 8.03
C ALA A 113 26.45 -7.67 9.25
N ALA A 114 26.43 -9.00 9.29
CA ALA A 114 27.05 -9.73 10.39
C ALA A 114 28.57 -9.60 10.36
N ASP A 115 29.17 -9.75 9.19
CA ASP A 115 30.62 -9.67 9.04
C ASP A 115 31.19 -8.32 9.48
N THR A 116 30.38 -7.27 9.38
CA THR A 116 30.80 -5.92 9.71
C THR A 116 30.42 -5.44 11.11
N PHE A 117 29.46 -6.11 11.73
CA PHE A 117 28.98 -5.78 13.08
C PHE A 117 30.18 -5.93 14.02
N SER A 118 30.63 -4.82 14.61
CA SER A 118 31.79 -4.86 15.50
C SER A 118 31.52 -5.03 16.99
N LEU A 119 32.56 -5.42 17.72
CA LEU A 119 32.48 -5.61 19.16
C LEU A 119 32.02 -4.36 19.90
N ASP A 120 32.44 -3.19 19.42
CA ASP A 120 32.05 -1.94 20.08
C ASP A 120 30.59 -1.62 19.83
N GLU A 121 29.99 -2.30 18.86
CA GLU A 121 28.59 -2.10 18.54
C GLU A 121 27.77 -3.02 19.43
N MSE A 122 28.32 -4.19 19.72
CA MSE A 122 27.63 -5.20 20.51
C MSE A 122 27.78 -5.09 22.03
O MSE A 122 26.79 -4.92 22.74
CB MSE A 122 28.08 -6.58 20.07
CG MSE A 122 27.76 -6.90 18.62
SE MSE A 122 28.15 -8.70 18.07
CE MSE A 122 29.81 -8.39 17.14
N ILE A 123 29.02 -5.18 22.51
CA ILE A 123 29.28 -5.10 23.96
C ILE A 123 28.43 -4.10 24.73
N PRO A 124 28.30 -2.86 24.23
CA PRO A 124 27.50 -1.86 24.95
C PRO A 124 26.09 -2.33 25.31
N HIS A 125 25.55 -3.25 24.51
CA HIS A 125 24.20 -3.74 24.75
C HIS A 125 24.10 -4.86 25.78
N MSE A 126 25.23 -5.19 26.39
CA MSE A 126 25.27 -6.21 27.42
C MSE A 126 25.71 -5.53 28.72
O MSE A 126 26.00 -6.19 29.72
CB MSE A 126 26.24 -7.32 27.06
CG MSE A 126 25.88 -8.07 25.80
SE MSE A 126 27.00 -9.62 25.59
CE MSE A 126 28.52 -8.78 24.74
N ALA A 127 25.76 -4.20 28.67
CA ALA A 127 26.17 -3.42 29.83
C ALA A 127 25.37 -3.79 31.07
N ASP A 128 24.07 -3.99 30.93
CA ASP A 128 23.24 -4.34 32.06
C ASP A 128 23.20 -5.83 32.40
N ALA A 129 24.03 -6.63 31.74
CA ALA A 129 24.06 -8.07 32.02
C ALA A 129 24.65 -8.26 33.41
N VAL A 130 24.30 -9.35 34.07
CA VAL A 130 24.81 -9.69 35.40
C VAL A 130 25.21 -11.16 35.44
N ALA A 131 26.01 -11.55 36.44
CA ALA A 131 26.44 -12.94 36.57
C ALA A 131 25.23 -13.86 36.58
N GLY A 132 25.29 -14.95 35.83
CA GLY A 132 24.17 -15.86 35.76
C GLY A 132 23.44 -15.71 34.44
N ASP A 133 23.47 -14.50 33.86
CA ASP A 133 22.82 -14.28 32.59
C ASP A 133 23.56 -15.06 31.51
N ILE A 134 22.86 -15.36 30.43
CA ILE A 134 23.44 -16.16 29.35
C ILE A 134 23.83 -15.39 28.11
N LEU A 135 24.97 -15.77 27.52
CA LEU A 135 25.40 -15.22 26.26
C LEU A 135 25.27 -16.42 25.32
N LEU A 136 24.39 -16.32 24.34
CA LEU A 136 24.16 -17.38 23.38
C LEU A 136 24.71 -16.91 22.04
N GLN A 137 25.53 -17.75 21.42
CA GLN A 137 26.14 -17.40 20.16
C GLN A 137 26.09 -18.59 19.19
N GLN A 138 25.98 -18.28 17.89
CA GLN A 138 25.97 -19.36 16.89
C GLN A 138 27.29 -19.25 16.14
N GLY A 139 27.31 -19.68 14.88
CA GLY A 139 28.56 -19.60 14.14
C GLY A 139 28.58 -18.55 13.04
N ASN A 140 27.90 -17.42 13.26
CA ASN A 140 27.83 -16.37 12.23
C ASN A 140 28.93 -15.31 12.31
N PHE A 141 29.82 -15.43 13.29
CA PHE A 141 30.92 -14.47 13.44
C PHE A 141 32.28 -15.15 13.29
N SER A 142 33.29 -14.33 12.98
CA SER A 142 34.66 -14.84 12.82
C SER A 142 35.15 -15.38 14.15
N LEU A 143 36.14 -16.25 14.09
CA LEU A 143 36.71 -16.83 15.30
C LEU A 143 37.11 -15.78 16.33
N ASP A 144 37.80 -14.74 15.89
CA ASP A 144 38.23 -13.69 16.80
C ASP A 144 37.08 -12.98 17.50
N LYS A 145 36.06 -12.60 16.74
CA LYS A 145 34.91 -11.93 17.32
C LYS A 145 34.17 -12.87 18.27
N THR A 146 33.94 -14.10 17.82
CA THR A 146 33.26 -15.09 18.64
C THR A 146 34.01 -15.34 19.94
N ARG A 147 35.32 -15.56 19.84
CA ARG A 147 36.11 -15.81 21.05
C ARG A 147 36.07 -14.61 21.98
N ALA A 148 36.18 -13.42 21.41
CA ALA A 148 36.16 -12.18 22.19
C ALA A 148 34.85 -11.99 22.93
N LEU A 149 33.74 -12.37 22.31
CA LEU A 149 32.44 -12.22 22.95
C LEU A 149 32.33 -13.18 24.14
N PHE A 150 32.81 -14.41 23.98
CA PHE A 150 32.74 -15.37 25.08
C PHE A 150 33.65 -14.96 26.23
N GLN A 151 34.80 -14.34 25.91
CA GLN A 151 35.72 -13.89 26.96
C GLN A 151 35.08 -12.74 27.71
N TYR A 152 34.31 -11.92 27.00
CA TYR A 152 33.63 -10.82 27.65
C TYR A 152 32.61 -11.39 28.64
N ALA A 153 31.83 -12.36 28.16
CA ALA A 153 30.82 -13.00 28.98
C ALA A 153 31.45 -13.59 30.23
N ARG A 154 32.55 -14.31 30.03
CA ARG A 154 33.25 -14.94 31.14
C ARG A 154 33.73 -13.93 32.18
N SER A 155 34.16 -12.75 31.72
CA SER A 155 34.64 -11.73 32.64
C SER A 155 33.50 -11.07 33.42
N ARG A 156 32.27 -11.34 33.01
CA ARG A 156 31.10 -10.78 33.69
C ARG A 156 30.37 -11.85 34.50
N GLY A 157 30.88 -13.08 34.45
CA GLY A 157 30.24 -14.15 35.18
C GLY A 157 29.03 -14.73 34.46
N MSE A 158 28.95 -14.48 33.16
CA MSE A 158 27.83 -14.98 32.36
C MSE A 158 28.05 -16.43 31.95
O MSE A 158 29.19 -16.88 31.79
CB MSE A 158 27.66 -14.11 31.11
CG MSE A 158 27.21 -12.68 31.40
SE MSE A 158 27.25 -11.52 29.83
CE MSE A 158 25.61 -12.13 28.98
N THR A 159 26.96 -17.16 31.77
CA THR A 159 27.02 -18.52 31.31
C THR A 159 27.11 -18.46 29.79
N THR A 160 27.98 -19.28 29.21
CA THR A 160 28.16 -19.28 27.77
C THR A 160 27.53 -20.47 27.06
N VAL A 161 26.75 -20.19 26.02
CA VAL A 161 26.11 -21.24 25.24
C VAL A 161 26.56 -21.08 23.80
N PHE A 162 26.98 -22.19 23.20
CA PHE A 162 27.52 -22.16 21.85
C PHE A 162 26.96 -23.22 20.91
N ASN A 163 26.50 -22.77 19.74
CA ASN A 163 25.96 -23.64 18.71
C ASN A 163 26.78 -23.25 17.46
N PRO A 164 27.95 -23.89 17.28
CA PRO A 164 28.88 -23.64 16.17
C PRO A 164 28.35 -24.04 14.80
N SER A 165 27.40 -23.25 14.30
CA SER A 165 26.77 -23.49 13.01
C SER A 165 26.38 -22.13 12.45
N PRO A 166 26.87 -21.78 11.23
CA PRO A 166 27.76 -22.53 10.33
C PRO A 166 29.04 -22.94 11.03
N VAL A 167 29.58 -24.10 10.68
CA VAL A 167 30.80 -24.59 11.30
C VAL A 167 32.06 -23.89 10.79
N ASN A 168 33.03 -23.74 11.70
CA ASN A 168 34.32 -23.14 11.40
C ASN A 168 35.32 -24.04 12.10
N PRO A 169 36.24 -24.66 11.34
CA PRO A 169 37.23 -25.56 11.91
C PRO A 169 37.93 -25.01 13.16
N ASP A 170 38.27 -23.72 13.13
CA ASP A 170 38.95 -23.09 14.24
C ASP A 170 38.13 -22.93 15.51
N PHE A 171 36.84 -23.27 15.44
CA PHE A 171 35.97 -23.19 16.61
C PHE A 171 36.36 -24.26 17.62
N CYS A 172 37.07 -25.28 17.15
CA CYS A 172 37.50 -26.37 18.03
C CYS A 172 38.46 -25.92 19.13
N HIS A 173 38.84 -24.65 19.11
CA HIS A 173 39.75 -24.10 20.10
C HIS A 173 39.04 -23.40 21.27
N LEU A 174 37.77 -23.06 21.07
CA LEU A 174 36.99 -22.34 22.07
C LEU A 174 36.33 -23.13 23.19
N TRP A 175 36.33 -24.46 23.10
CA TRP A 175 35.66 -25.25 24.10
C TRP A 175 35.86 -24.86 25.57
N PRO A 176 37.08 -24.44 25.95
CA PRO A 176 37.30 -24.05 27.35
C PRO A 176 36.43 -22.86 27.78
N LEU A 177 36.00 -22.06 26.82
CA LEU A 177 35.20 -20.88 27.10
C LEU A 177 33.70 -21.15 27.10
N ILE A 178 33.33 -22.41 26.86
CA ILE A 178 31.92 -22.77 26.75
C ILE A 178 31.34 -23.64 27.86
N ASP A 179 30.19 -23.24 28.37
CA ASP A 179 29.50 -23.98 29.43
C ASP A 179 28.53 -25.00 28.84
N ILE A 180 27.83 -24.61 27.78
CA ILE A 180 26.86 -25.48 27.13
C ILE A 180 27.09 -25.48 25.63
N ALA A 181 27.27 -26.68 25.07
CA ALA A 181 27.49 -26.84 23.63
C ALA A 181 26.35 -27.63 23.00
N VAL A 182 25.86 -27.13 21.87
CA VAL A 182 24.78 -27.77 21.15
C VAL A 182 25.30 -27.96 19.73
N VAL A 183 25.49 -29.22 19.33
CA VAL A 183 26.00 -29.53 18.01
C VAL A 183 25.24 -30.66 17.34
N ASN A 184 25.24 -30.69 16.01
CA ASN A 184 24.57 -31.79 15.31
C ASN A 184 25.66 -32.83 15.08
N GLU A 185 25.31 -33.96 14.47
CA GLU A 185 26.28 -35.03 14.24
C GLU A 185 27.60 -34.60 13.58
N SER A 186 27.51 -33.96 12.43
CA SER A 186 28.72 -33.56 11.73
C SER A 186 29.58 -32.65 12.59
N GLU A 187 28.95 -31.63 13.18
CA GLU A 187 29.63 -30.71 14.06
C GLU A 187 30.32 -31.38 15.25
N ALA A 188 29.67 -32.39 15.84
CA ALA A 188 30.21 -33.14 16.99
C ALA A 188 31.49 -33.87 16.60
N GLU A 189 31.50 -34.45 15.41
CA GLU A 189 32.70 -35.16 14.96
C GLU A 189 33.84 -34.26 14.45
N LEU A 190 33.48 -33.17 13.78
CA LEU A 190 34.41 -32.18 13.24
C LEU A 190 35.09 -31.27 14.24
N LEU A 191 34.35 -30.66 15.15
CA LEU A 191 34.89 -29.86 16.25
C LEU A 191 35.30 -30.61 17.51
N GLN A 192 34.86 -31.87 17.62
CA GLN A 192 35.22 -32.71 18.80
C GLN A 192 35.14 -31.97 20.15
N PRO A 193 33.94 -31.53 20.50
CA PRO A 193 33.77 -30.82 21.77
C PRO A 193 34.24 -31.70 22.91
N TYR A 194 35.01 -31.13 23.83
CA TYR A 194 35.54 -31.86 24.98
C TYR A 194 35.55 -30.99 26.24
N GLY A 195 35.41 -31.64 27.39
CA GLY A 195 35.43 -30.90 28.63
C GLY A 195 34.28 -29.94 28.86
N VAL A 196 33.36 -29.85 27.90
CA VAL A 196 32.23 -28.97 28.05
C VAL A 196 31.33 -29.63 29.09
N LYS A 197 30.94 -28.88 30.12
CA LYS A 197 30.13 -29.44 31.19
C LYS A 197 28.75 -29.94 30.72
N THR A 198 28.21 -29.34 29.66
CA THR A 198 26.93 -29.79 29.10
C THR A 198 27.08 -29.90 27.58
N LEU A 199 26.99 -31.12 27.06
CA LEU A 199 27.10 -31.34 25.62
C LEU A 199 25.84 -32.01 25.09
N VAL A 200 25.24 -31.39 24.09
CA VAL A 200 24.04 -31.92 23.47
C VAL A 200 24.36 -32.18 22.02
N ILE A 201 24.11 -33.41 21.56
CA ILE A 201 24.37 -33.79 20.18
C ILE A 201 23.04 -34.10 19.51
N THR A 202 22.65 -33.28 18.55
CA THR A 202 21.38 -33.48 17.86
C THR A 202 21.57 -34.33 16.60
N GLN A 203 20.59 -35.18 16.32
CA GLN A 203 20.65 -36.06 15.16
C GLN A 203 19.31 -36.07 14.40
N GLY A 204 18.71 -34.89 14.26
CA GLY A 204 17.46 -34.75 13.55
C GLY A 204 16.33 -35.67 13.99
N ALA A 205 15.66 -36.27 13.02
CA ALA A 205 14.55 -37.18 13.30
C ALA A 205 15.04 -38.38 14.11
N ALA A 206 16.36 -38.50 14.26
CA ALA A 206 16.94 -39.61 15.01
C ALA A 206 17.15 -39.29 16.50
N GLY A 207 16.64 -38.16 16.95
CA GLY A 207 16.77 -37.80 18.36
C GLY A 207 17.97 -36.96 18.72
N ALA A 208 18.32 -36.97 20.00
CA ALA A 208 19.45 -36.17 20.48
C ALA A 208 20.03 -36.78 21.75
N TRP A 209 21.31 -36.49 21.98
CA TRP A 209 22.02 -36.98 23.15
C TRP A 209 22.38 -35.86 24.12
N LEU A 210 22.20 -36.13 25.41
CA LEU A 210 22.58 -35.17 26.44
C LEU A 210 23.81 -35.84 27.06
N VAL A 211 24.91 -35.11 27.12
CA VAL A 211 26.15 -35.70 27.61
C VAL A 211 27.06 -34.86 28.51
N GLN A 212 27.69 -35.55 29.47
CA GLN A 212 28.75 -35.02 30.35
C GLN A 212 28.99 -35.22 31.85
N GLU A 213 28.00 -35.40 32.72
CA GLU A 213 28.42 -35.67 34.10
C GLU A 213 28.86 -37.14 33.98
N GLY A 214 29.52 -37.42 32.86
CA GLY A 214 29.96 -38.76 32.53
C GLY A 214 28.75 -39.46 31.92
N GLN A 215 27.57 -39.04 32.38
CA GLN A 215 26.29 -39.59 31.96
C GLN A 215 25.88 -39.27 30.53
N ARG A 216 25.35 -40.26 29.84
CA ARG A 216 24.89 -40.13 28.47
C ARG A 216 23.41 -40.47 28.46
N GLN A 217 22.60 -39.58 27.91
CA GLN A 217 21.16 -39.81 27.85
C GLN A 217 20.63 -39.54 26.46
N PHE A 218 19.77 -40.41 25.98
CA PHE A 218 19.19 -40.26 24.66
C PHE A 218 17.74 -39.84 24.73
N CYS A 219 17.36 -38.90 23.87
CA CYS A 219 15.98 -38.44 23.84
C CYS A 219 15.47 -38.60 22.43
N PRO A 220 14.54 -39.54 22.22
CA PRO A 220 14.03 -39.71 20.85
C PRO A 220 13.27 -38.48 20.36
N ALA A 221 13.26 -38.31 19.03
CA ALA A 221 12.55 -37.22 18.42
C ALA A 221 11.07 -37.55 18.49
N VAL A 222 10.23 -36.54 18.40
CA VAL A 222 8.79 -36.77 18.44
C VAL A 222 8.33 -36.93 17.00
N PRO A 223 7.74 -38.09 16.68
CA PRO A 223 7.27 -38.38 15.32
C PRO A 223 6.54 -37.19 14.72
N ALA A 224 6.93 -36.81 13.51
CA ALA A 224 6.30 -35.70 12.84
C ALA A 224 6.43 -35.77 11.33
N GLU A 225 5.56 -35.00 10.69
CA GLU A 225 5.48 -34.87 9.25
C GLU A 225 6.47 -33.79 8.81
N ALA A 226 7.59 -34.22 8.24
CA ALA A 226 8.64 -33.31 7.80
C ALA A 226 8.24 -32.42 6.62
N LEU A 227 7.27 -31.54 6.84
CA LEU A 227 6.80 -30.65 5.78
C LEU A 227 7.84 -29.58 5.43
N ASP A 228 8.49 -29.03 6.46
CA ASP A 228 9.50 -28.00 6.30
C ASP A 228 10.32 -27.93 7.57
N THR A 229 11.56 -28.43 7.50
CA THR A 229 12.45 -28.48 8.66
C THR A 229 13.20 -27.19 8.97
N THR A 230 12.94 -26.13 8.22
CA THR A 230 13.60 -24.85 8.48
C THR A 230 13.44 -24.43 9.94
N GLY A 231 14.56 -24.11 10.59
CA GLY A 231 14.54 -23.67 11.97
C GLY A 231 14.25 -24.74 13.02
N ALA A 232 14.29 -26.01 12.63
CA ALA A 232 14.02 -27.09 13.60
C ALA A 232 15.11 -27.09 14.66
N GLY A 233 16.35 -26.94 14.23
CA GLY A 233 17.48 -26.92 15.16
C GLY A 233 17.42 -25.73 16.09
N ASP A 234 17.05 -24.57 15.55
CA ASP A 234 16.96 -23.35 16.36
C ASP A 234 15.85 -23.51 17.40
N THR A 235 14.76 -24.17 17.00
CA THR A 235 13.63 -24.40 17.90
C THR A 235 14.06 -25.32 19.05
N PHE A 236 14.73 -26.41 18.70
CA PHE A 236 15.20 -27.36 19.70
C PHE A 236 16.11 -26.69 20.72
N LEU A 237 17.09 -25.91 20.23
CA LEU A 237 18.02 -25.24 21.13
C LEU A 237 17.33 -24.23 22.03
N ALA A 238 16.46 -23.42 21.46
CA ALA A 238 15.75 -22.40 22.23
C ALA A 238 14.86 -22.98 23.33
N VAL A 239 14.07 -23.99 23.00
CA VAL A 239 13.17 -24.59 23.99
C VAL A 239 13.93 -25.38 25.05
N MSE A 240 15.00 -26.07 24.64
CA MSE A 240 15.81 -26.81 25.59
C MSE A 240 16.35 -25.84 26.64
O MSE A 240 16.30 -26.09 27.84
CB MSE A 240 16.98 -27.49 24.89
CG MSE A 240 17.91 -28.20 25.87
SE MSE A 240 19.68 -28.41 25.15
CE MSE A 240 20.32 -26.60 25.37
N LEU A 241 16.88 -24.71 26.17
CA LEU A 241 17.43 -23.71 27.07
C LEU A 241 16.32 -23.08 27.93
N ALA A 242 15.19 -22.73 27.31
CA ALA A 242 14.10 -22.12 28.07
C ALA A 242 13.58 -23.08 29.14
N SER A 243 13.41 -24.34 28.78
CA SER A 243 12.92 -25.33 29.75
C SER A 243 13.81 -25.38 30.99
N ALA A 244 15.12 -25.48 30.78
CA ALA A 244 16.09 -25.53 31.87
C ALA A 244 16.03 -24.26 32.69
N LEU A 245 15.96 -23.12 32.02
CA LEU A 245 15.88 -21.83 32.70
C LEU A 245 14.64 -21.72 33.57
N LEU A 246 13.47 -22.06 33.02
CA LEU A 246 12.23 -21.97 33.78
C LEU A 246 12.15 -22.88 35.00
N ARG A 247 12.90 -23.98 34.97
CA ARG A 247 12.89 -24.92 36.08
C ARG A 247 14.11 -24.77 36.97
N GLY A 248 14.94 -23.78 36.65
CA GLY A 248 16.13 -23.48 37.44
C GLY A 248 17.25 -24.50 37.46
N VAL A 249 17.35 -25.33 36.43
CA VAL A 249 18.42 -26.34 36.40
C VAL A 249 19.26 -26.31 35.15
N ALA A 250 20.31 -27.13 35.15
CA ALA A 250 21.19 -27.26 34.01
C ALA A 250 20.40 -28.12 33.04
N PRO A 251 20.62 -27.94 31.72
CA PRO A 251 19.86 -28.77 30.78
C PRO A 251 19.82 -30.24 31.17
N ASP A 252 18.62 -30.81 31.15
CA ASP A 252 18.44 -32.19 31.55
C ASP A 252 17.57 -32.95 30.55
N ALA A 253 17.26 -34.20 30.90
CA ALA A 253 16.44 -35.05 30.03
C ALA A 253 15.10 -34.43 29.68
N LEU A 254 14.43 -33.81 30.66
CA LEU A 254 13.14 -33.19 30.42
C LEU A 254 13.30 -31.99 29.47
N ALA A 255 14.41 -31.29 29.58
CA ALA A 255 14.66 -30.14 28.71
C ALA A 255 14.69 -30.63 27.26
N LEU A 256 15.37 -31.75 27.02
CA LEU A 256 15.44 -32.28 25.66
C LEU A 256 14.09 -32.79 25.17
N ALA A 257 13.27 -33.33 26.07
CA ALA A 257 11.95 -33.83 25.70
C ALA A 257 11.06 -32.67 25.27
N HIS A 258 11.10 -31.58 26.04
CA HIS A 258 10.30 -30.40 25.69
C HIS A 258 10.75 -29.88 24.33
N ALA A 259 12.07 -29.84 24.13
CA ALA A 259 12.66 -29.34 22.89
C ALA A 259 12.25 -30.17 21.68
N SER A 260 12.25 -31.49 21.86
CA SER A 260 11.87 -32.40 20.78
C SER A 260 10.41 -32.16 20.39
N ARG A 261 9.58 -31.90 21.39
CA ARG A 261 8.17 -31.67 21.17
C ARG A 261 7.96 -30.37 20.40
N ALA A 262 8.75 -29.35 20.74
CA ALA A 262 8.64 -28.05 20.08
C ALA A 262 9.15 -28.12 18.65
N ALA A 263 10.28 -28.81 18.47
CA ALA A 263 10.87 -28.95 17.15
C ALA A 263 9.91 -29.69 16.23
N ALA A 264 9.17 -30.64 16.79
CA ALA A 264 8.20 -31.41 16.01
C ALA A 264 7.15 -30.49 15.39
N ILE A 265 6.79 -29.43 16.10
CA ILE A 265 5.81 -28.48 15.60
C ILE A 265 6.40 -27.71 14.42
N THR A 266 7.62 -27.20 14.59
CA THR A 266 8.28 -26.44 13.53
C THR A 266 8.43 -27.25 12.24
N VAL A 267 8.79 -28.52 12.36
CA VAL A 267 8.97 -29.38 11.19
C VAL A 267 7.64 -29.59 10.45
N SER A 268 6.53 -29.55 11.20
CA SER A 268 5.20 -29.75 10.61
C SER A 268 4.63 -28.53 9.88
N ARG A 269 5.24 -27.37 10.09
CA ARG A 269 4.76 -26.13 9.47
C ARG A 269 5.79 -25.48 8.56
N ARG A 270 5.31 -24.72 7.58
CA ARG A 270 6.18 -24.03 6.64
C ARG A 270 6.61 -22.64 7.08
N GLY A 271 7.84 -22.27 6.76
CA GLY A 271 8.34 -20.96 7.11
C GLY A 271 9.16 -20.89 8.40
N THR A 272 9.25 -19.68 8.94
CA THR A 272 9.98 -19.45 10.17
C THR A 272 9.03 -18.95 11.24
N LEU A 273 8.94 -17.63 11.39
CA LEU A 273 8.06 -17.05 12.41
C LEU A 273 6.63 -17.57 12.34
N SER A 274 6.12 -17.84 11.15
CA SER A 274 4.75 -18.34 11.05
C SER A 274 4.64 -19.84 11.32
N ALA A 275 5.77 -20.52 11.43
CA ALA A 275 5.77 -21.97 11.67
C ALA A 275 6.14 -22.35 13.10
N PHE A 276 7.03 -21.59 13.71
CA PHE A 276 7.48 -21.90 15.07
C PHE A 276 6.31 -21.97 16.06
N PRO A 277 6.49 -22.73 17.14
CA PRO A 277 5.43 -22.83 18.13
C PRO A 277 5.14 -21.44 18.70
N GLY A 278 3.87 -21.18 19.01
CA GLY A 278 3.48 -19.89 19.56
C GLY A 278 3.62 -19.89 21.07
N SER A 279 3.62 -18.71 21.67
CA SER A 279 3.76 -18.60 23.12
C SER A 279 2.85 -19.54 23.92
N ARG A 280 1.58 -19.60 23.57
CA ARG A 280 0.66 -20.48 24.28
C ARG A 280 0.94 -21.96 24.00
N GLU A 281 1.37 -22.28 22.78
CA GLU A 281 1.69 -23.66 22.46
C GLU A 281 2.91 -24.06 23.30
N LEU A 282 3.85 -23.13 23.46
CA LEU A 282 5.06 -23.40 24.22
C LEU A 282 4.73 -23.52 25.71
N ALA A 283 3.87 -22.65 26.19
CA ALA A 283 3.48 -22.67 27.59
C ALA A 283 2.93 -24.06 27.93
N ALA A 284 2.03 -24.54 27.08
CA ALA A 284 1.41 -25.85 27.25
C ALA A 284 2.41 -27.01 27.30
N LEU A 285 3.34 -27.07 26.34
CA LEU A 285 4.28 -28.19 26.34
C LEU A 285 5.34 -28.10 27.44
N LEU A 286 5.74 -26.90 27.82
CA LEU A 286 6.74 -26.73 28.86
C LEU A 286 6.14 -27.11 30.22
N THR A 287 4.83 -27.25 30.25
CA THR A 287 4.12 -27.59 31.48
C THR A 287 4.06 -29.11 31.67
N LEU B 3 -10.49 -21.01 24.59
CA LEU B 3 -10.67 -20.86 23.11
C LEU B 3 -10.68 -19.38 22.75
N ARG B 4 -9.94 -19.04 21.69
CA ARG B 4 -9.84 -17.66 21.24
C ARG B 4 -10.33 -17.52 19.81
N VAL B 5 -11.07 -16.45 19.53
CA VAL B 5 -11.57 -16.23 18.18
C VAL B 5 -10.81 -15.10 17.50
N TYR B 6 -10.26 -15.42 16.33
CA TYR B 6 -9.54 -14.45 15.52
C TYR B 6 -10.45 -14.08 14.37
N VAL B 7 -10.58 -12.78 14.11
CA VAL B 7 -11.43 -12.33 13.01
C VAL B 7 -10.62 -11.42 12.10
N THR B 8 -10.40 -11.88 10.87
CA THR B 8 -9.66 -11.10 9.89
C THR B 8 -10.71 -10.47 8.99
N GLY B 9 -10.78 -9.15 8.98
CA GLY B 9 -11.77 -8.48 8.16
C GLY B 9 -11.51 -6.99 8.07
N ASN B 10 -12.58 -6.21 7.86
CA ASN B 10 -12.42 -4.77 7.75
C ASN B 10 -13.07 -4.04 8.92
N ILE B 11 -12.79 -2.74 9.01
CA ILE B 11 -13.38 -1.91 10.05
C ILE B 11 -13.54 -0.57 9.35
N THR B 12 -14.67 0.07 9.58
CA THR B 12 -14.94 1.33 8.92
C THR B 12 -15.61 2.34 9.83
N VAL B 13 -15.88 3.50 9.25
CA VAL B 13 -16.62 4.57 9.91
C VAL B 13 -17.82 4.67 8.98
N ASP B 14 -19.01 4.37 9.50
CA ASP B 14 -20.21 4.48 8.69
C ASP B 14 -20.78 5.86 9.00
N GLU B 15 -20.79 6.73 8.00
CA GLU B 15 -21.29 8.09 8.16
C GLU B 15 -22.69 8.29 7.60
N THR B 16 -23.60 8.73 8.45
CA THR B 16 -24.98 8.98 8.06
C THR B 16 -25.21 10.46 7.79
N TRP B 17 -25.56 10.77 6.55
CA TRP B 17 -25.84 12.16 6.14
C TRP B 17 -27.31 12.29 5.77
N SER B 18 -27.85 13.49 5.96
CA SER B 18 -29.24 13.76 5.62
C SER B 18 -29.24 14.86 4.58
N ILE B 19 -29.91 14.63 3.46
CA ILE B 19 -30.00 15.61 2.39
C ILE B 19 -31.37 15.57 1.72
N PRO B 20 -31.79 16.66 1.07
CA PRO B 20 -33.09 16.72 0.40
C PRO B 20 -33.15 15.57 -0.60
N ASP B 21 -32.09 15.43 -1.39
CA ASP B 21 -31.99 14.36 -2.37
C ASP B 21 -30.64 14.42 -3.07
N ILE B 22 -30.22 13.29 -3.61
CA ILE B 22 -28.93 13.18 -4.30
C ILE B 22 -28.73 14.30 -5.33
N PRO B 23 -27.64 15.04 -5.21
CA PRO B 23 -27.34 16.14 -6.13
C PRO B 23 -26.88 15.64 -7.50
N LYS B 24 -27.17 16.41 -8.54
CA LYS B 24 -26.77 16.04 -9.90
C LYS B 24 -25.35 16.53 -10.11
N LYS B 25 -24.70 16.06 -11.17
CA LYS B 25 -23.34 16.49 -11.46
C LYS B 25 -23.37 18.00 -11.62
N GLY B 26 -22.32 18.66 -11.13
CA GLY B 26 -22.27 20.11 -11.24
C GLY B 26 -23.05 20.79 -10.15
N ALA B 27 -23.95 20.05 -9.50
CA ALA B 27 -24.77 20.61 -8.44
C ALA B 27 -24.00 20.65 -7.12
N SER B 28 -24.35 21.63 -6.29
CA SER B 28 -23.72 21.82 -4.99
C SER B 28 -24.85 22.11 -4.01
N ILE B 29 -24.97 21.30 -2.97
CA ILE B 29 -26.05 21.46 -2.01
C ILE B 29 -25.58 21.35 -0.55
N HIS B 30 -26.47 21.68 0.38
CA HIS B 30 -26.13 21.58 1.79
C HIS B 30 -26.68 20.27 2.33
N GLY B 31 -26.03 19.76 3.38
CA GLY B 31 -26.47 18.51 3.97
C GLY B 31 -26.21 18.51 5.46
N VAL B 32 -26.65 17.46 6.14
CA VAL B 32 -26.46 17.34 7.57
C VAL B 32 -25.79 16.02 7.91
N LYS B 33 -24.62 16.09 8.54
CA LYS B 33 -23.91 14.88 8.94
C LYS B 33 -24.57 14.41 10.22
N VAL B 34 -25.60 13.59 10.05
CA VAL B 34 -26.36 13.06 11.18
C VAL B 34 -25.51 12.38 12.25
N SER B 35 -24.89 11.27 11.91
CA SER B 35 -24.09 10.55 12.90
C SER B 35 -22.92 9.77 12.33
N GLN B 36 -22.15 9.17 13.23
CA GLN B 36 -20.98 8.39 12.87
C GLN B 36 -20.90 7.16 13.76
N ASP B 37 -20.54 6.03 13.16
CA ASP B 37 -20.43 4.77 13.90
C ASP B 37 -19.32 3.90 13.35
N ILE B 38 -18.82 3.01 14.18
CA ILE B 38 -17.81 2.07 13.74
C ILE B 38 -18.63 1.06 12.95
N GLY B 39 -18.12 0.64 11.80
CA GLY B 39 -18.83 -0.32 10.96
C GLY B 39 -17.87 -1.33 10.37
N GLY B 40 -18.33 -2.06 9.36
CA GLY B 40 -17.51 -3.09 8.73
C GLY B 40 -17.90 -4.44 9.28
N LYS B 41 -18.14 -5.39 8.39
CA LYS B 41 -18.56 -6.73 8.81
C LYS B 41 -17.57 -7.35 9.80
N GLY B 42 -16.28 -7.20 9.54
CA GLY B 42 -15.29 -7.76 10.44
C GLY B 42 -15.41 -7.18 11.84
N ALA B 43 -15.40 -5.86 11.92
CA ALA B 43 -15.50 -5.18 13.20
C ALA B 43 -16.83 -5.48 13.87
N ASN B 44 -17.92 -5.39 13.12
CA ASN B 44 -19.24 -5.66 13.68
C ASN B 44 -19.28 -7.03 14.35
N GLN B 45 -18.87 -8.05 13.60
CA GLN B 45 -18.88 -9.40 14.13
C GLN B 45 -17.93 -9.59 15.31
N ALA B 46 -16.71 -9.07 15.19
CA ALA B 46 -15.74 -9.20 16.27
C ALA B 46 -16.15 -8.47 17.55
N ILE B 47 -16.68 -7.26 17.42
CA ILE B 47 -17.09 -6.51 18.60
C ILE B 47 -18.24 -7.19 19.35
N ILE B 48 -19.24 -7.67 18.60
CA ILE B 48 -20.38 -8.35 19.23
C ILE B 48 -19.88 -9.62 19.92
N LEU B 49 -19.00 -10.37 19.24
CA LEU B 49 -18.44 -11.57 19.86
C LEU B 49 -17.79 -11.21 21.20
N SER B 50 -16.99 -10.14 21.20
CA SER B 50 -16.29 -9.73 22.41
C SER B 50 -17.27 -9.29 23.52
N ARG B 51 -18.36 -8.64 23.13
CA ARG B 51 -19.37 -8.18 24.08
C ARG B 51 -20.07 -9.36 24.73
N CYS B 52 -20.06 -10.50 24.05
CA CYS B 52 -20.67 -11.71 24.58
C CYS B 52 -19.74 -12.39 25.57
N GLY B 53 -18.53 -11.89 25.70
CA GLY B 53 -17.57 -12.48 26.63
C GLY B 53 -16.60 -13.46 25.98
N ILE B 54 -16.52 -13.43 24.66
CA ILE B 54 -15.63 -14.32 23.93
C ILE B 54 -14.28 -13.62 23.77
N GLU B 55 -13.19 -14.31 24.11
CA GLU B 55 -11.87 -13.71 23.96
C GLU B 55 -11.70 -13.54 22.45
N THR B 56 -11.68 -12.28 22.01
CA THR B 56 -11.62 -12.01 20.58
C THR B 56 -10.53 -11.04 20.16
N ARG B 57 -9.95 -11.30 18.99
CA ARG B 57 -8.93 -10.45 18.42
C ARG B 57 -9.32 -10.12 16.99
N LEU B 58 -9.41 -8.82 16.69
CA LEU B 58 -9.77 -8.39 15.35
C LEU B 58 -8.51 -7.94 14.60
N ILE B 59 -8.30 -8.52 13.41
CA ILE B 59 -7.15 -8.18 12.59
C ILE B 59 -7.72 -7.40 11.40
N ALA B 60 -7.61 -6.08 11.47
CA ALA B 60 -8.14 -5.20 10.44
C ALA B 60 -7.32 -3.93 10.33
N ALA B 61 -7.27 -3.36 9.14
CA ALA B 61 -6.49 -2.16 8.90
C ALA B 61 -7.24 -0.84 9.01
N THR B 62 -6.56 0.17 9.55
CA THR B 62 -7.09 1.51 9.69
C THR B 62 -6.02 2.45 9.13
N GLY B 63 -6.43 3.63 8.69
CA GLY B 63 -5.50 4.58 8.12
C GLY B 63 -4.98 5.67 9.05
N ASN B 64 -4.19 6.58 8.49
CA ASN B 64 -3.62 7.68 9.25
C ASN B 64 -4.39 8.96 9.03
N ASP B 65 -5.72 8.85 9.05
CA ASP B 65 -6.57 10.01 8.84
C ASP B 65 -7.53 10.25 10.00
N SER B 66 -8.38 11.25 9.85
CA SER B 66 -9.36 11.60 10.87
C SER B 66 -10.16 10.38 11.35
N ASN B 67 -10.75 9.65 10.40
CA ASN B 67 -11.54 8.48 10.76
C ASN B 67 -10.72 7.39 11.41
N GLY B 68 -9.44 7.34 11.07
CA GLY B 68 -8.56 6.34 11.64
C GLY B 68 -8.37 6.45 13.13
N ALA B 69 -7.96 7.63 13.58
CA ALA B 69 -7.74 7.87 14.99
C ALA B 69 -9.05 7.69 15.73
N TRP B 70 -10.16 8.11 15.11
CA TRP B 70 -11.47 7.98 15.73
C TRP B 70 -11.78 6.50 15.97
N ILE B 71 -11.59 5.68 14.95
CA ILE B 71 -11.84 4.24 15.06
C ILE B 71 -11.00 3.64 16.18
N ARG B 72 -9.69 3.82 16.10
CA ARG B 72 -8.78 3.28 17.10
C ARG B 72 -9.15 3.79 18.48
N GLN B 73 -9.68 5.02 18.52
CA GLN B 73 -10.11 5.65 19.76
C GLN B 73 -11.37 4.98 20.30
N GLN B 74 -12.37 4.81 19.44
CA GLN B 74 -13.63 4.20 19.83
C GLN B 74 -13.52 2.73 20.24
N ILE B 75 -12.70 1.97 19.53
CA ILE B 75 -12.57 0.55 19.84
C ILE B 75 -11.95 0.28 21.21
N LYS B 76 -11.28 1.28 21.78
CA LYS B 76 -10.67 1.12 23.10
C LYS B 76 -11.75 0.87 24.15
N ASN B 77 -12.98 1.28 23.83
CA ASN B 77 -14.10 1.11 24.75
C ASN B 77 -14.69 -0.29 24.64
N GLU B 78 -14.18 -1.10 23.72
CA GLU B 78 -14.67 -2.46 23.53
C GLU B 78 -13.67 -3.50 24.06
N PRO B 79 -14.17 -4.58 24.67
CA PRO B 79 -13.37 -5.67 25.24
C PRO B 79 -12.78 -6.59 24.18
N LEU B 80 -12.27 -5.98 23.13
CA LEU B 80 -11.70 -6.66 21.98
C LEU B 80 -10.30 -6.10 21.78
N MSE B 81 -9.45 -6.82 21.07
CA MSE B 81 -8.10 -6.32 20.80
C MSE B 81 -8.02 -6.09 19.30
O MSE B 81 -8.30 -6.99 18.52
CB MSE B 81 -7.05 -7.34 21.24
CG MSE B 81 -5.62 -6.86 21.12
SE MSE B 81 -4.30 -8.16 21.74
CE MSE B 81 -5.06 -8.52 23.48
N LEU B 82 -7.65 -4.88 18.90
CA LEU B 82 -7.52 -4.55 17.48
C LEU B 82 -6.05 -4.60 17.11
N LEU B 83 -5.74 -5.35 16.05
CA LEU B 83 -4.37 -5.50 15.58
C LEU B 83 -4.33 -5.22 14.07
N PRO B 84 -3.24 -4.59 13.58
CA PRO B 84 -2.06 -4.14 14.33
C PRO B 84 -2.32 -2.84 15.08
N ASP B 85 -1.35 -2.42 15.89
CA ASP B 85 -1.46 -1.18 16.67
C ASP B 85 -1.36 0.07 15.81
N GLY B 86 -0.33 0.12 14.97
CA GLY B 86 -0.15 1.27 14.11
C GLY B 86 -1.26 1.39 13.09
N HIS B 87 -1.09 2.29 12.13
CA HIS B 87 -2.08 2.50 11.08
C HIS B 87 -1.41 2.53 9.70
N PHE B 88 -2.20 2.73 8.65
CA PHE B 88 -1.68 2.79 7.27
C PHE B 88 -2.36 3.95 6.51
N ASN B 89 -2.90 3.60 5.33
CA ASN B 89 -3.65 4.42 4.34
C ASN B 89 -4.69 5.54 4.58
N GLN B 90 -5.46 5.63 3.51
CA GLN B 90 -6.54 6.54 3.36
C GLN B 90 -7.62 6.28 4.38
N HIS B 91 -8.12 5.04 4.44
CA HIS B 91 -9.12 4.65 5.43
C HIS B 91 -10.55 4.25 5.02
N SER B 92 -10.92 3.00 5.27
CA SER B 92 -12.24 2.53 4.85
C SER B 92 -13.47 3.10 5.61
N ASP B 93 -14.46 3.53 4.84
CA ASP B 93 -15.69 4.04 5.43
C ASP B 93 -16.81 4.10 4.41
N THR B 94 -18.03 4.23 4.91
CA THR B 94 -19.16 4.31 4.01
C THR B 94 -19.96 5.57 4.29
N SER B 95 -20.42 6.20 3.23
CA SER B 95 -21.22 7.40 3.34
C SER B 95 -22.66 7.00 3.06
N ILE B 96 -23.52 7.19 4.05
CA ILE B 96 -24.92 6.84 3.91
C ILE B 96 -25.74 8.10 3.64
N ILE B 97 -26.19 8.25 2.40
CA ILE B 97 -26.97 9.40 2.01
C ILE B 97 -28.46 9.18 2.11
N LEU B 98 -29.06 9.72 3.15
CA LEU B 98 -30.50 9.59 3.38
C LEU B 98 -31.25 10.75 2.68
N ASN B 99 -32.04 10.40 1.68
CA ASN B 99 -32.84 11.34 0.91
C ASN B 99 -34.16 11.68 1.59
N SER B 100 -34.74 12.82 1.22
CA SER B 100 -36.02 13.20 1.79
C SER B 100 -36.94 12.18 1.14
N ALA B 101 -36.72 11.98 -0.16
CA ALA B 101 -37.49 11.03 -0.95
C ALA B 101 -36.76 9.69 -0.97
N ASP B 104 -35.12 5.65 -0.86
CA ASP B 104 -34.26 4.93 0.08
C ASP B 104 -32.84 5.49 0.12
N ASN B 105 -32.08 5.06 1.12
CA ASN B 105 -30.70 5.50 1.30
C ASN B 105 -29.82 5.16 0.10
N ALA B 106 -28.78 5.95 -0.10
CA ALA B 106 -27.81 5.75 -1.17
C ALA B 106 -26.47 5.61 -0.48
N ILE B 107 -25.74 4.54 -0.76
CA ILE B 107 -24.46 4.31 -0.10
C ILE B 107 -23.24 4.29 -1.03
N ILE B 108 -22.13 4.84 -0.53
CA ILE B 108 -20.87 4.86 -1.26
C ILE B 108 -19.84 4.34 -0.25
N THR B 109 -19.06 3.35 -0.64
CA THR B 109 -18.10 2.76 0.28
C THR B 109 -16.68 2.63 -0.26
N THR B 110 -15.69 2.86 0.59
CA THR B 110 -14.30 2.73 0.19
C THR B 110 -13.75 1.49 0.88
N THR B 111 -12.74 0.89 0.27
CA THR B 111 -12.15 -0.35 0.78
C THR B 111 -10.62 -0.38 0.71
N ALA B 112 -10.00 0.75 0.44
CA ALA B 112 -8.55 0.82 0.31
C ALA B 112 -7.76 0.19 1.45
N ALA B 113 -8.17 0.46 2.69
CA ALA B 113 -7.47 -0.10 3.86
C ALA B 113 -7.43 -1.63 3.75
N ALA B 114 -8.61 -2.23 3.59
CA ALA B 114 -8.70 -3.68 3.45
C ALA B 114 -7.97 -4.20 2.21
N ASP B 115 -8.13 -3.51 1.08
CA ASP B 115 -7.51 -3.96 -0.17
C ASP B 115 -5.98 -4.05 -0.11
N THR B 116 -5.36 -3.14 0.63
CA THR B 116 -3.90 -3.08 0.74
C THR B 116 -3.30 -3.71 2.01
N PHE B 117 -4.13 -4.39 2.79
CA PHE B 117 -3.69 -5.07 4.01
C PHE B 117 -3.06 -6.38 3.52
N SER B 118 -1.73 -6.47 3.52
CA SER B 118 -1.06 -7.67 3.02
C SER B 118 -1.02 -8.87 3.95
N LEU B 119 -0.96 -10.05 3.34
CA LEU B 119 -0.89 -11.29 4.08
C LEU B 119 0.26 -11.30 5.08
N ASP B 120 1.42 -10.79 4.65
CA ASP B 120 2.60 -10.75 5.51
C ASP B 120 2.38 -9.89 6.73
N GLU B 121 1.39 -9.02 6.67
CA GLU B 121 1.11 -8.13 7.79
C GLU B 121 -0.03 -8.68 8.63
N MSE B 122 -0.77 -9.65 8.08
CA MSE B 122 -1.90 -10.24 8.79
C MSE B 122 -1.54 -11.54 9.51
O MSE B 122 -1.85 -11.71 10.68
CB MSE B 122 -3.04 -10.53 7.81
CG MSE B 122 -3.54 -9.29 7.06
SE MSE B 122 -5.03 -9.71 5.89
CE MSE B 122 -6.38 -9.80 7.25
N ILE B 123 -0.87 -12.45 8.80
CA ILE B 123 -0.50 -13.73 9.39
C ILE B 123 0.25 -13.66 10.71
N PRO B 124 1.15 -12.66 10.88
CA PRO B 124 1.88 -12.58 12.15
C PRO B 124 0.97 -12.42 13.37
N HIS B 125 -0.21 -11.84 13.19
CA HIS B 125 -1.10 -11.64 14.33
C HIS B 125 -1.81 -12.92 14.76
N MSE B 126 -1.53 -14.02 14.07
CA MSE B 126 -2.11 -15.30 14.44
C MSE B 126 -0.98 -16.21 14.93
O MSE B 126 -1.15 -17.43 15.03
CB MSE B 126 -2.80 -15.95 13.23
CG MSE B 126 -4.17 -15.37 12.92
SE MSE B 126 -4.91 -16.14 11.29
CE MSE B 126 -5.76 -17.64 12.02
N ALA B 127 0.17 -15.61 15.23
CA ALA B 127 1.33 -16.38 15.69
C ALA B 127 1.09 -17.07 17.03
N ASP B 128 0.19 -16.54 17.84
CA ASP B 128 -0.07 -17.12 19.15
C ASP B 128 -1.36 -17.94 19.20
N ALA B 129 -1.80 -18.41 18.04
CA ALA B 129 -3.02 -19.21 17.98
C ALA B 129 -2.72 -20.61 18.49
N VAL B 130 -3.76 -21.31 18.90
CA VAL B 130 -3.61 -22.67 19.41
C VAL B 130 -4.69 -23.52 18.75
N ALA B 131 -4.39 -24.80 18.55
CA ALA B 131 -5.35 -25.71 17.94
C ALA B 131 -6.67 -25.53 18.69
N GLY B 132 -7.77 -25.45 17.95
CA GLY B 132 -9.06 -25.26 18.60
C GLY B 132 -9.55 -23.83 18.49
N ASP B 133 -8.63 -22.87 18.36
CA ASP B 133 -9.04 -21.49 18.22
C ASP B 133 -9.82 -21.38 16.92
N ILE B 134 -10.52 -20.27 16.74
CA ILE B 134 -11.30 -20.07 15.54
C ILE B 134 -10.85 -18.90 14.67
N LEU B 135 -10.94 -19.08 13.35
CA LEU B 135 -10.65 -18.00 12.42
C LEU B 135 -11.98 -17.74 11.74
N LEU B 136 -12.48 -16.51 11.88
CA LEU B 136 -13.75 -16.10 11.30
C LEU B 136 -13.43 -15.07 10.22
N GLN B 137 -13.96 -15.29 9.03
CA GLN B 137 -13.76 -14.38 7.91
C GLN B 137 -15.05 -14.05 7.21
N GLN B 138 -15.10 -12.88 6.56
CA GLN B 138 -16.27 -12.54 5.80
C GLN B 138 -15.80 -12.44 4.34
N GLY B 139 -16.44 -11.60 3.54
CA GLY B 139 -16.04 -11.52 2.14
C GLY B 139 -15.42 -10.20 1.70
N ASN B 140 -14.79 -9.49 2.62
CA ASN B 140 -14.20 -8.20 2.27
C ASN B 140 -12.75 -8.27 1.82
N PHE B 141 -12.25 -9.47 1.53
CA PHE B 141 -10.89 -9.64 1.05
C PHE B 141 -10.91 -10.40 -0.27
N SER B 142 -9.83 -10.28 -1.02
CA SER B 142 -9.69 -10.97 -2.30
C SER B 142 -9.72 -12.47 -2.10
N LEU B 143 -9.97 -13.21 -3.17
CA LEU B 143 -10.01 -14.67 -3.11
C LEU B 143 -8.68 -15.23 -2.60
N ASP B 144 -7.57 -14.80 -3.19
CA ASP B 144 -6.27 -15.29 -2.79
C ASP B 144 -5.96 -15.08 -1.32
N LYS B 145 -6.24 -13.87 -0.82
CA LYS B 145 -6.01 -13.57 0.58
C LYS B 145 -6.93 -14.38 1.48
N THR B 146 -8.20 -14.45 1.13
CA THR B 146 -9.18 -15.20 1.92
C THR B 146 -8.75 -16.68 2.01
N ARG B 147 -8.42 -17.27 0.88
CA ARG B 147 -8.01 -18.67 0.86
C ARG B 147 -6.72 -18.89 1.65
N ALA B 148 -5.75 -18.00 1.47
CA ALA B 148 -4.47 -18.11 2.17
C ALA B 148 -4.67 -18.04 3.68
N LEU B 149 -5.58 -17.19 4.12
CA LEU B 149 -5.86 -17.05 5.54
C LEU B 149 -6.50 -18.32 6.10
N PHE B 150 -7.44 -18.91 5.37
CA PHE B 150 -8.08 -20.14 5.82
C PHE B 150 -7.06 -21.29 5.84
N GLN B 151 -6.18 -21.32 4.84
CA GLN B 151 -5.16 -22.35 4.77
C GLN B 151 -4.22 -22.27 5.97
N TYR B 152 -3.84 -21.04 6.34
CA TYR B 152 -2.97 -20.87 7.48
C TYR B 152 -3.68 -21.36 8.74
N ALA B 153 -4.94 -20.95 8.93
CA ALA B 153 -5.72 -21.37 10.09
C ALA B 153 -5.72 -22.90 10.18
N ARG B 154 -5.92 -23.54 9.03
CA ARG B 154 -5.93 -25.00 8.95
C ARG B 154 -4.61 -25.58 9.44
N SER B 155 -3.50 -24.95 9.08
CA SER B 155 -2.18 -25.43 9.49
C SER B 155 -1.96 -25.25 10.99
N ARG B 156 -2.72 -24.34 11.59
CA ARG B 156 -2.62 -24.10 13.04
C ARG B 156 -3.64 -24.96 13.78
N GLY B 157 -4.39 -25.76 13.03
CA GLY B 157 -5.40 -26.62 13.63
C GLY B 157 -6.60 -25.85 14.17
N MSE B 158 -6.88 -24.71 13.54
CA MSE B 158 -7.99 -23.86 13.96
C MSE B 158 -9.29 -24.24 13.27
O MSE B 158 -9.29 -24.84 12.19
CB MSE B 158 -7.67 -22.40 13.65
CG MSE B 158 -6.46 -21.88 14.39
SE MSE B 158 -5.84 -20.18 13.66
CE MSE B 158 -7.19 -19.03 14.47
N THR B 159 -10.41 -23.88 13.90
CA THR B 159 -11.73 -24.13 13.34
C THR B 159 -12.02 -22.91 12.47
N THR B 160 -12.54 -23.15 11.28
CA THR B 160 -12.82 -22.08 10.35
C THR B 160 -14.30 -21.78 10.17
N VAL B 161 -14.63 -20.50 10.18
CA VAL B 161 -16.01 -20.04 10.00
C VAL B 161 -15.99 -19.05 8.84
N PHE B 162 -16.92 -19.22 7.91
CA PHE B 162 -16.96 -18.34 6.74
C PHE B 162 -18.35 -17.77 6.47
N ASN B 163 -18.39 -16.45 6.27
CA ASN B 163 -19.59 -15.70 5.96
C ASN B 163 -19.23 -14.96 4.66
N PRO B 164 -19.33 -15.66 3.52
CA PRO B 164 -19.01 -15.14 2.18
C PRO B 164 -19.86 -13.98 1.70
N SER B 165 -19.77 -12.86 2.42
CA SER B 165 -20.53 -11.65 2.12
C SER B 165 -19.62 -10.45 2.39
N PRO B 166 -19.39 -9.59 1.38
CA PRO B 166 -19.88 -9.56 -0.01
C PRO B 166 -19.55 -10.84 -0.77
N VAL B 167 -20.48 -11.28 -1.61
CA VAL B 167 -20.29 -12.49 -2.36
C VAL B 167 -19.30 -12.35 -3.52
N ASN B 168 -18.47 -13.38 -3.66
CA ASN B 168 -17.48 -13.47 -4.73
C ASN B 168 -17.78 -14.86 -5.26
N PRO B 169 -18.25 -14.96 -6.52
CA PRO B 169 -18.55 -16.28 -7.08
C PRO B 169 -17.44 -17.31 -6.92
N ASP B 170 -16.19 -16.86 -6.90
CA ASP B 170 -15.06 -17.77 -6.76
C ASP B 170 -14.93 -18.38 -5.37
N PHE B 171 -15.72 -17.88 -4.40
CA PHE B 171 -15.69 -18.42 -3.05
C PHE B 171 -16.20 -19.86 -3.02
N CYS B 172 -16.95 -20.25 -4.04
CA CYS B 172 -17.53 -21.60 -4.10
C CYS B 172 -16.47 -22.70 -4.03
N HIS B 173 -15.23 -22.36 -4.38
CA HIS B 173 -14.16 -23.35 -4.36
C HIS B 173 -13.51 -23.50 -3.00
N LEU B 174 -13.91 -22.66 -2.05
CA LEU B 174 -13.34 -22.68 -0.71
C LEU B 174 -14.02 -23.57 0.34
N TRP B 175 -15.17 -24.12 0.02
CA TRP B 175 -15.89 -24.93 1.00
C TRP B 175 -15.11 -26.05 1.71
N PRO B 176 -14.18 -26.73 1.03
CA PRO B 176 -13.44 -27.79 1.72
C PRO B 176 -12.63 -27.28 2.93
N LEU B 177 -12.29 -26.01 2.92
CA LEU B 177 -11.52 -25.39 4.00
C LEU B 177 -12.40 -24.90 5.15
N ILE B 178 -13.72 -25.01 5.00
CA ILE B 178 -14.66 -24.49 5.99
C ILE B 178 -15.38 -25.48 6.90
N ASP B 179 -15.44 -25.16 8.19
CA ASP B 179 -16.15 -26.00 9.17
C ASP B 179 -17.58 -25.51 9.36
N ILE B 180 -17.72 -24.19 9.49
CA ILE B 180 -19.04 -23.58 9.69
C ILE B 180 -19.29 -22.52 8.63
N ALA B 181 -20.38 -22.68 7.87
CA ALA B 181 -20.74 -21.72 6.83
C ALA B 181 -22.01 -20.97 7.23
N VAL B 182 -22.01 -19.66 7.02
CA VAL B 182 -23.16 -18.82 7.33
C VAL B 182 -23.40 -17.96 6.11
N VAL B 183 -24.56 -18.17 5.48
CA VAL B 183 -24.91 -17.44 4.26
C VAL B 183 -26.38 -17.05 4.29
N ASN B 184 -26.79 -16.08 3.48
CA ASN B 184 -28.20 -15.73 3.39
C ASN B 184 -28.74 -16.52 2.19
N GLU B 185 -30.05 -16.50 1.95
CA GLU B 185 -30.61 -17.29 0.85
C GLU B 185 -29.91 -17.06 -0.50
N SER B 186 -29.63 -15.80 -0.81
CA SER B 186 -28.97 -15.45 -2.06
C SER B 186 -27.59 -16.12 -2.17
N GLU B 187 -26.78 -16.00 -1.14
CA GLU B 187 -25.45 -16.58 -1.12
C GLU B 187 -25.53 -18.10 -1.14
N ALA B 188 -26.57 -18.65 -0.51
CA ALA B 188 -26.74 -20.10 -0.49
C ALA B 188 -26.89 -20.64 -1.92
N GLU B 189 -27.67 -19.93 -2.73
CA GLU B 189 -27.90 -20.35 -4.11
C GLU B 189 -26.71 -20.03 -5.01
N LEU B 190 -26.11 -18.86 -4.82
CA LEU B 190 -24.98 -18.45 -5.63
C LEU B 190 -23.70 -19.25 -5.38
N LEU B 191 -23.43 -19.58 -4.12
CA LEU B 191 -22.21 -20.31 -3.78
C LEU B 191 -22.36 -21.80 -3.51
N GLN B 192 -23.60 -22.27 -3.47
CA GLN B 192 -23.90 -23.69 -3.24
C GLN B 192 -22.98 -24.40 -2.25
N PRO B 193 -23.00 -23.98 -0.96
CA PRO B 193 -22.15 -24.64 0.04
C PRO B 193 -22.47 -26.12 0.15
N TYR B 194 -21.45 -26.94 0.27
CA TYR B 194 -21.63 -28.39 0.37
C TYR B 194 -20.50 -28.98 1.19
N GLY B 195 -20.76 -30.11 1.84
CA GLY B 195 -19.75 -30.78 2.63
C GLY B 195 -19.33 -30.07 3.89
N VAL B 196 -19.98 -28.96 4.22
CA VAL B 196 -19.64 -28.22 5.43
C VAL B 196 -20.37 -28.83 6.61
N LYS B 197 -19.67 -29.02 7.73
CA LYS B 197 -20.27 -29.62 8.90
C LYS B 197 -21.50 -28.88 9.41
N THR B 198 -21.38 -27.56 9.55
CA THR B 198 -22.50 -26.74 10.01
C THR B 198 -22.78 -25.67 8.96
N LEU B 199 -24.03 -25.64 8.48
CA LEU B 199 -24.44 -24.66 7.49
C LEU B 199 -25.64 -23.88 8.01
N VAL B 200 -25.52 -22.56 8.03
CA VAL B 200 -26.61 -21.71 8.47
C VAL B 200 -27.08 -20.84 7.31
N ILE B 201 -28.37 -20.90 7.01
CA ILE B 201 -28.92 -20.10 5.93
C ILE B 201 -29.91 -19.12 6.53
N THR B 202 -29.54 -17.85 6.58
CA THR B 202 -30.42 -16.83 7.14
C THR B 202 -31.38 -16.26 6.09
N GLN B 203 -32.58 -15.89 6.52
CA GLN B 203 -33.58 -15.36 5.62
C GLN B 203 -34.31 -14.14 6.17
N GLY B 204 -33.54 -13.19 6.68
CA GLY B 204 -34.12 -11.97 7.20
C GLY B 204 -35.28 -12.13 8.16
N ALA B 205 -36.31 -11.32 7.94
CA ALA B 205 -37.50 -11.30 8.77
C ALA B 205 -38.20 -12.65 8.86
N ALA B 206 -37.92 -13.53 7.93
CA ALA B 206 -38.54 -14.84 7.96
C ALA B 206 -37.98 -15.64 9.14
N GLY B 207 -36.67 -15.87 9.10
CA GLY B 207 -35.99 -16.62 10.14
C GLY B 207 -34.70 -17.18 9.57
N ALA B 208 -34.29 -18.36 10.05
CA ALA B 208 -33.05 -18.98 9.56
C ALA B 208 -33.06 -20.50 9.70
N TRP B 209 -32.31 -21.15 8.82
CA TRP B 209 -32.19 -22.61 8.82
C TRP B 209 -30.83 -23.08 9.33
N LEU B 210 -30.84 -24.20 10.06
CA LEU B 210 -29.61 -24.82 10.55
C LEU B 210 -29.56 -26.18 9.85
N VAL B 211 -28.50 -26.42 9.08
CA VAL B 211 -28.36 -27.68 8.36
C VAL B 211 -27.08 -28.40 8.80
N GLN B 212 -27.25 -29.55 9.44
CA GLN B 212 -26.13 -30.36 9.91
C GLN B 212 -26.40 -31.80 9.55
N GLU B 213 -25.47 -32.38 8.81
CA GLU B 213 -25.55 -33.75 8.35
C GLU B 213 -26.94 -34.23 7.94
N GLY B 214 -27.56 -33.52 7.01
CA GLY B 214 -28.88 -33.92 6.55
C GLY B 214 -30.07 -33.41 7.35
N GLN B 215 -29.88 -33.19 8.64
CA GLN B 215 -30.97 -32.71 9.47
C GLN B 215 -31.16 -31.21 9.30
N ARG B 216 -32.41 -30.79 9.10
CA ARG B 216 -32.73 -29.38 8.92
C ARG B 216 -33.54 -28.90 10.10
N GLN B 217 -33.24 -27.70 10.55
CA GLN B 217 -33.97 -27.09 11.66
C GLN B 217 -34.19 -25.62 11.33
N PHE B 218 -35.43 -25.18 11.49
CA PHE B 218 -35.76 -23.80 11.18
C PHE B 218 -36.01 -22.99 12.46
N CYS B 219 -35.47 -21.78 12.51
CA CYS B 219 -35.66 -20.92 13.66
C CYS B 219 -36.35 -19.64 13.22
N PRO B 220 -37.58 -19.41 13.70
CA PRO B 220 -38.29 -18.19 13.31
C PRO B 220 -37.59 -16.95 13.86
N ALA B 221 -37.72 -15.85 13.14
CA ALA B 221 -37.12 -14.59 13.59
C ALA B 221 -38.01 -14.08 14.71
N VAL B 222 -37.47 -13.21 15.56
CA VAL B 222 -38.23 -12.63 16.65
C VAL B 222 -38.92 -11.38 16.09
N PRO B 223 -40.26 -11.29 16.22
CA PRO B 223 -40.97 -10.11 15.70
C PRO B 223 -40.31 -8.82 16.18
N ALA B 224 -40.08 -7.89 15.25
CA ALA B 224 -39.44 -6.63 15.58
C ALA B 224 -39.83 -5.52 14.61
N GLU B 225 -39.72 -4.28 15.07
CA GLU B 225 -40.01 -3.11 14.24
C GLU B 225 -38.68 -2.79 13.55
N ALA B 226 -38.62 -2.96 12.24
CA ALA B 226 -37.38 -2.74 11.49
C ALA B 226 -37.06 -1.29 11.15
N LEU B 227 -36.54 -0.53 12.11
CA LEU B 227 -36.19 0.86 11.84
C LEU B 227 -34.90 0.93 11.01
N ASP B 228 -33.95 0.05 11.30
CA ASP B 228 -32.67 0.04 10.61
C ASP B 228 -32.08 -1.37 10.68
N THR B 229 -32.03 -2.02 9.52
CA THR B 229 -31.54 -3.38 9.36
C THR B 229 -30.01 -3.53 9.34
N THR B 230 -29.31 -2.40 9.32
CA THR B 230 -27.85 -2.42 9.29
C THR B 230 -27.19 -3.31 10.35
N GLY B 231 -26.38 -4.26 9.88
CA GLY B 231 -25.69 -5.14 10.79
C GLY B 231 -26.48 -6.26 11.43
N ALA B 232 -27.68 -6.52 10.95
CA ALA B 232 -28.50 -7.60 11.52
C ALA B 232 -27.81 -8.93 11.26
N GLY B 233 -27.31 -9.10 10.04
CA GLY B 233 -26.63 -10.34 9.70
C GLY B 233 -25.40 -10.56 10.57
N ASP B 234 -24.64 -9.48 10.78
CA ASP B 234 -23.44 -9.56 11.61
C ASP B 234 -23.79 -9.91 13.05
N THR B 235 -24.87 -9.30 13.56
CA THR B 235 -25.30 -9.59 14.91
C THR B 235 -25.69 -11.05 15.05
N PHE B 236 -26.48 -11.54 14.11
CA PHE B 236 -26.95 -12.92 14.14
C PHE B 236 -25.77 -13.91 14.18
N LEU B 237 -24.82 -13.74 13.29
CA LEU B 237 -23.66 -14.65 13.26
C LEU B 237 -22.88 -14.61 14.55
N ALA B 238 -22.50 -13.40 14.98
CA ALA B 238 -21.73 -13.23 16.19
C ALA B 238 -22.36 -13.91 17.40
N VAL B 239 -23.64 -13.62 17.63
CA VAL B 239 -24.33 -14.19 18.78
C VAL B 239 -24.56 -15.69 18.67
N MSE B 240 -24.88 -16.17 17.47
CA MSE B 240 -25.06 -17.60 17.30
C MSE B 240 -23.77 -18.32 17.67
O MSE B 240 -23.77 -19.29 18.42
CB MSE B 240 -25.43 -17.93 15.86
CG MSE B 240 -25.51 -19.41 15.58
SE MSE B 240 -25.02 -19.81 13.77
CE MSE B 240 -23.12 -19.55 13.94
N LEU B 241 -22.65 -17.82 17.13
CA LEU B 241 -21.36 -18.44 17.40
C LEU B 241 -21.01 -18.32 18.89
N ALA B 242 -21.24 -17.14 19.46
CA ALA B 242 -20.94 -16.93 20.88
C ALA B 242 -21.72 -17.90 21.74
N SER B 243 -23.02 -18.03 21.46
CA SER B 243 -23.88 -18.92 22.24
C SER B 243 -23.35 -20.35 22.23
N ALA B 244 -23.04 -20.87 21.05
CA ALA B 244 -22.52 -22.22 20.92
C ALA B 244 -21.16 -22.35 21.63
N LEU B 245 -20.32 -21.33 21.46
CA LEU B 245 -19.01 -21.30 22.07
C LEU B 245 -19.11 -21.34 23.60
N LEU B 246 -19.96 -20.47 24.15
CA LEU B 246 -20.16 -20.40 25.59
C LEU B 246 -20.74 -21.66 26.22
N ARG B 247 -21.38 -22.50 25.42
CA ARG B 247 -21.96 -23.73 25.95
C ARG B 247 -21.17 -24.96 25.53
N GLY B 248 -20.07 -24.72 24.82
CA GLY B 248 -19.20 -25.80 24.37
C GLY B 248 -19.80 -26.76 23.36
N VAL B 249 -20.67 -26.28 22.48
CA VAL B 249 -21.27 -27.15 21.48
C VAL B 249 -21.20 -26.53 20.09
N ALA B 250 -21.51 -27.33 19.07
CA ALA B 250 -21.52 -26.83 17.71
C ALA B 250 -22.83 -26.05 17.60
N PRO B 251 -22.94 -25.14 16.62
CA PRO B 251 -24.18 -24.36 16.49
C PRO B 251 -25.41 -25.27 16.56
N ASP B 252 -26.38 -24.90 17.40
CA ASP B 252 -27.60 -25.68 17.56
C ASP B 252 -28.83 -24.80 17.53
N ALA B 253 -30.00 -25.40 17.71
CA ALA B 253 -31.25 -24.66 17.71
C ALA B 253 -31.26 -23.51 18.70
N LEU B 254 -30.74 -23.74 19.90
CA LEU B 254 -30.71 -22.69 20.92
C LEU B 254 -29.81 -21.53 20.47
N ALA B 255 -28.71 -21.85 19.79
CA ALA B 255 -27.80 -20.83 19.32
C ALA B 255 -28.51 -19.89 18.34
N LEU B 256 -29.34 -20.45 17.46
CA LEU B 256 -30.08 -19.61 16.53
C LEU B 256 -31.17 -18.83 17.26
N ALA B 257 -31.72 -19.39 18.32
CA ALA B 257 -32.76 -18.68 19.09
C ALA B 257 -32.13 -17.43 19.71
N HIS B 258 -31.00 -17.60 20.38
CA HIS B 258 -30.31 -16.46 20.98
C HIS B 258 -29.97 -15.43 19.89
N ALA B 259 -29.42 -15.91 18.79
CA ALA B 259 -29.05 -15.03 17.69
C ALA B 259 -30.24 -14.25 17.14
N SER B 260 -31.41 -14.90 17.08
CA SER B 260 -32.60 -14.23 16.58
C SER B 260 -33.03 -13.10 17.52
N ARG B 261 -32.91 -13.34 18.82
CA ARG B 261 -33.29 -12.31 19.78
C ARG B 261 -32.35 -11.13 19.70
N ALA B 262 -31.07 -11.40 19.52
CA ALA B 262 -30.06 -10.34 19.43
C ALA B 262 -30.25 -9.51 18.16
N ALA B 263 -30.50 -10.19 17.06
CA ALA B 263 -30.71 -9.53 15.77
C ALA B 263 -31.96 -8.66 15.80
N ALA B 264 -32.96 -9.07 16.58
CA ALA B 264 -34.19 -8.29 16.68
C ALA B 264 -33.85 -6.93 17.29
N ILE B 265 -32.98 -6.92 18.29
CA ILE B 265 -32.55 -5.68 18.92
C ILE B 265 -31.90 -4.78 17.88
N THR B 266 -30.96 -5.34 17.12
CA THR B 266 -30.26 -4.56 16.11
C THR B 266 -31.16 -3.94 15.05
N VAL B 267 -32.13 -4.71 14.56
CA VAL B 267 -33.00 -4.15 13.52
C VAL B 267 -33.93 -3.07 14.09
N SER B 268 -34.20 -3.11 15.38
CA SER B 268 -35.07 -2.11 16.00
C SER B 268 -34.33 -0.83 16.40
N ARG B 269 -33.01 -0.79 16.19
CA ARG B 269 -32.24 0.38 16.54
C ARG B 269 -31.52 0.94 15.32
N ARG B 270 -31.29 2.25 15.34
CA ARG B 270 -30.63 2.92 14.23
C ARG B 270 -29.13 3.01 14.40
N GLY B 271 -28.41 2.96 13.28
CA GLY B 271 -26.96 3.06 13.30
C GLY B 271 -26.30 1.72 13.05
N THR B 272 -25.00 1.65 13.31
CA THR B 272 -24.28 0.41 13.14
C THR B 272 -23.89 -0.05 14.54
N LEU B 273 -22.67 0.22 14.98
CA LEU B 273 -22.29 -0.22 16.33
C LEU B 273 -23.25 0.29 17.41
N SER B 274 -23.75 1.51 17.27
CA SER B 274 -24.66 2.06 18.28
C SER B 274 -26.01 1.32 18.33
N ALA B 275 -26.30 0.55 17.30
CA ALA B 275 -27.56 -0.20 17.25
C ALA B 275 -27.45 -1.61 17.82
N PHE B 276 -26.22 -2.09 18.01
CA PHE B 276 -26.02 -3.44 18.52
C PHE B 276 -26.26 -3.58 20.02
N PRO B 277 -26.70 -4.77 20.44
CA PRO B 277 -26.94 -4.98 21.87
C PRO B 277 -25.64 -4.86 22.69
N GLY B 278 -25.77 -4.36 23.92
CA GLY B 278 -24.62 -4.20 24.79
C GLY B 278 -24.30 -5.47 25.54
N SER B 279 -23.17 -5.47 26.26
CA SER B 279 -22.75 -6.64 27.02
C SER B 279 -23.79 -7.17 27.99
N ARG B 280 -24.44 -6.29 28.74
CA ARG B 280 -25.42 -6.75 29.71
C ARG B 280 -26.67 -7.29 29.01
N GLU B 281 -27.05 -6.65 27.91
CA GLU B 281 -28.22 -7.13 27.16
C GLU B 281 -27.91 -8.52 26.62
N LEU B 282 -26.68 -8.69 26.13
CA LEU B 282 -26.25 -9.97 25.58
C LEU B 282 -26.26 -11.05 26.64
N ALA B 283 -25.59 -10.77 27.76
CA ALA B 283 -25.52 -11.71 28.87
C ALA B 283 -26.92 -12.16 29.27
N ALA B 284 -27.82 -11.20 29.45
CA ALA B 284 -29.19 -11.48 29.85
C ALA B 284 -29.90 -12.39 28.86
N LEU B 285 -29.70 -12.15 27.58
CA LEU B 285 -30.35 -12.95 26.56
C LEU B 285 -29.69 -14.30 26.32
N LEU B 286 -28.39 -14.39 26.59
CA LEU B 286 -27.64 -15.63 26.38
C LEU B 286 -27.83 -16.67 27.46
N THR B 287 -28.47 -16.31 28.56
CA THR B 287 -28.66 -17.27 29.61
C THR B 287 -30.11 -17.39 30.07
N LEU C 3 7.70 12.26 -35.03
CA LEU C 3 7.60 10.78 -34.82
C LEU C 3 7.77 10.45 -33.34
N ARG C 4 6.82 9.70 -32.80
CA ARG C 4 6.82 9.33 -31.38
C ARG C 4 7.01 7.83 -31.15
N VAL C 5 7.73 7.48 -30.08
CA VAL C 5 7.96 6.08 -29.74
C VAL C 5 7.20 5.71 -28.47
N TYR C 6 6.38 4.67 -28.57
CA TYR C 6 5.60 4.17 -27.44
C TYR C 6 6.27 2.87 -27.03
N VAL C 7 6.60 2.76 -25.75
CA VAL C 7 7.25 1.55 -25.25
C VAL C 7 6.34 0.90 -24.23
N THR C 8 5.88 -0.31 -24.50
CA THR C 8 5.04 -1.01 -23.55
C THR C 8 5.86 -2.17 -23.02
N GLY C 9 6.27 -2.05 -21.75
CA GLY C 9 7.09 -3.06 -21.13
C GLY C 9 7.09 -2.96 -19.63
N ASN C 10 8.22 -3.26 -19.00
CA ASN C 10 8.27 -3.21 -17.54
C ASN C 10 9.26 -2.20 -16.99
N ILE C 11 9.24 -2.03 -15.67
CA ILE C 11 10.16 -1.15 -15.01
C ILE C 11 10.41 -1.81 -13.66
N THR C 12 11.68 -1.90 -13.28
CA THR C 12 12.03 -2.59 -12.05
C THR C 12 13.06 -1.90 -11.19
N VAL C 13 13.44 -2.63 -10.14
CA VAL C 13 14.50 -2.25 -9.24
C VAL C 13 15.39 -3.49 -9.42
N ASP C 14 16.59 -3.29 -9.94
CA ASP C 14 17.55 -4.37 -10.16
C ASP C 14 18.49 -4.51 -8.98
N GLU C 15 18.66 -5.74 -8.50
CA GLU C 15 19.58 -6.01 -7.39
C GLU C 15 20.68 -6.91 -7.95
N THR C 16 21.92 -6.50 -7.82
CA THR C 16 23.01 -7.32 -8.33
C THR C 16 23.70 -8.09 -7.20
N TRP C 17 23.81 -9.41 -7.38
CA TRP C 17 24.44 -10.28 -6.41
C TRP C 17 25.72 -10.84 -7.03
N SER C 18 26.82 -10.73 -6.31
CA SER C 18 28.09 -11.24 -6.80
C SER C 18 28.26 -12.66 -6.26
N ILE C 19 28.35 -13.65 -7.14
CA ILE C 19 28.53 -15.04 -6.71
C ILE C 19 29.69 -15.72 -7.43
N PRO C 20 30.27 -16.76 -6.81
CA PRO C 20 31.39 -17.48 -7.43
C PRO C 20 30.96 -18.08 -8.75
N ASP C 21 29.77 -18.67 -8.75
CA ASP C 21 29.21 -19.29 -9.94
C ASP C 21 27.77 -19.68 -9.65
N ILE C 22 26.93 -19.82 -10.68
CA ILE C 22 25.54 -20.18 -10.46
C ILE C 22 25.45 -21.47 -9.65
N PRO C 23 24.71 -21.43 -8.54
CA PRO C 23 24.54 -22.59 -7.66
C PRO C 23 23.84 -23.77 -8.30
N LYS C 24 24.22 -24.97 -7.89
CA LYS C 24 23.61 -26.19 -8.38
C LYS C 24 22.39 -26.47 -7.52
N LYS C 25 21.49 -27.27 -8.06
CA LYS C 25 20.28 -27.66 -7.37
C LYS C 25 20.62 -28.36 -6.05
N GLY C 26 20.13 -27.83 -4.93
CA GLY C 26 20.40 -28.44 -3.64
C GLY C 26 21.61 -27.90 -2.90
N ALA C 27 22.28 -26.91 -3.49
CA ALA C 27 23.46 -26.32 -2.88
C ALA C 27 23.19 -24.94 -2.31
N SER C 28 23.91 -24.60 -1.23
CA SER C 28 23.79 -23.29 -0.58
C SER C 28 25.13 -22.59 -0.75
N ILE C 29 25.13 -21.47 -1.47
CA ILE C 29 26.36 -20.74 -1.69
C ILE C 29 26.31 -19.33 -1.10
N HIS C 30 27.48 -18.74 -0.96
CA HIS C 30 27.63 -17.39 -0.42
C HIS C 30 27.54 -16.38 -1.55
N GLY C 31 27.05 -15.20 -1.22
CA GLY C 31 26.93 -14.14 -2.20
C GLY C 31 27.12 -12.80 -1.53
N VAL C 32 27.27 -11.76 -2.34
CA VAL C 32 27.44 -10.41 -1.82
C VAL C 32 26.58 -9.46 -2.65
N LYS C 33 25.74 -8.68 -1.98
CA LYS C 33 24.88 -7.72 -2.67
C LYS C 33 25.74 -6.54 -3.07
N VAL C 34 25.88 -6.32 -4.37
CA VAL C 34 26.71 -5.24 -4.86
C VAL C 34 25.97 -3.92 -5.09
N SER C 35 24.74 -4.01 -5.58
CA SER C 35 24.00 -2.78 -5.84
C SER C 35 22.53 -2.98 -6.14
N GLN C 36 21.80 -1.86 -6.11
CA GLN C 36 20.38 -1.83 -6.43
C GLN C 36 20.26 -0.59 -7.31
N ASP C 37 19.46 -0.68 -8.35
CA ASP C 37 19.32 0.45 -9.25
C ASP C 37 18.00 0.30 -10.01
N ILE C 38 17.58 1.36 -10.68
CA ILE C 38 16.36 1.34 -11.47
C ILE C 38 16.69 0.63 -12.78
N GLY C 39 15.79 -0.24 -13.23
CA GLY C 39 16.03 -0.98 -14.47
C GLY C 39 14.76 -1.43 -15.13
N GLY C 40 14.86 -2.52 -15.90
CA GLY C 40 13.72 -3.05 -16.61
C GLY C 40 13.93 -2.89 -18.10
N LYS C 41 13.68 -3.95 -18.87
CA LYS C 41 13.86 -3.90 -20.32
C LYS C 41 13.09 -2.73 -20.93
N GLY C 42 11.84 -2.55 -20.49
CA GLY C 42 11.05 -1.46 -21.00
C GLY C 42 11.59 -0.10 -20.62
N ALA C 43 11.81 0.11 -19.32
CA ALA C 43 12.33 1.38 -18.84
C ALA C 43 13.71 1.75 -19.39
N ASN C 44 14.61 0.76 -19.47
CA ASN C 44 15.96 1.03 -19.96
C ASN C 44 15.94 1.57 -21.38
N GLN C 45 15.17 0.91 -22.24
CA GLN C 45 15.12 1.34 -23.63
C GLN C 45 14.39 2.67 -23.78
N ALA C 46 13.29 2.85 -23.05
CA ALA C 46 12.55 4.10 -23.13
C ALA C 46 13.39 5.28 -22.63
N ILE C 47 14.05 5.08 -21.49
CA ILE C 47 14.86 6.15 -20.91
C ILE C 47 15.98 6.60 -21.85
N ILE C 48 16.69 5.63 -22.44
CA ILE C 48 17.79 5.97 -23.34
C ILE C 48 17.27 6.67 -24.58
N LEU C 49 16.16 6.18 -25.16
CA LEU C 49 15.59 6.84 -26.34
C LEU C 49 15.29 8.29 -26.00
N SER C 50 14.63 8.51 -24.87
CA SER C 50 14.28 9.87 -24.45
C SER C 50 15.51 10.74 -24.25
N ARG C 51 16.57 10.17 -23.68
CA ARG C 51 17.80 10.92 -23.47
C ARG C 51 18.45 11.32 -24.80
N CYS C 52 18.14 10.58 -25.86
CA CYS C 52 18.69 10.88 -27.19
C CYS C 52 17.88 11.99 -27.88
N GLY C 53 16.79 12.40 -27.24
CA GLY C 53 15.96 13.46 -27.82
C GLY C 53 14.74 12.94 -28.54
N ILE C 54 14.45 11.65 -28.40
CA ILE C 54 13.29 11.06 -29.06
C ILE C 54 12.07 11.19 -28.17
N GLU C 55 10.96 11.70 -28.70
CA GLU C 55 9.74 11.84 -27.90
C GLU C 55 9.29 10.44 -27.56
N THR C 56 9.34 10.09 -26.28
CA THR C 56 9.02 8.74 -25.85
C THR C 56 8.01 8.63 -24.72
N ARG C 57 7.16 7.62 -24.79
CA ARG C 57 6.20 7.37 -23.74
C ARG C 57 6.37 5.93 -23.28
N LEU C 58 6.64 5.75 -21.99
CA LEU C 58 6.80 4.42 -21.44
C LEU C 58 5.51 4.05 -20.75
N ILE C 59 4.93 2.91 -21.14
CA ILE C 59 3.69 2.42 -20.57
C ILE C 59 4.11 1.20 -19.76
N ALA C 60 4.16 1.36 -18.45
CA ALA C 60 4.59 0.30 -17.55
C ALA C 60 3.98 0.49 -16.17
N ALA C 61 3.88 -0.60 -15.42
CA ALA C 61 3.28 -0.56 -14.09
C ALA C 61 4.28 -0.54 -12.93
N THR C 62 3.99 0.30 -11.93
CA THR C 62 4.80 0.37 -10.72
C THR C 62 3.89 -0.05 -9.56
N GLY C 63 4.49 -0.51 -8.47
CA GLY C 63 3.71 -0.97 -7.32
C GLY C 63 3.53 0.06 -6.24
N ASN C 64 2.83 -0.30 -5.17
CA ASN C 64 2.60 0.63 -4.08
C ASN C 64 3.51 0.40 -2.89
N ASP C 65 4.77 0.07 -3.18
CA ASP C 65 5.78 -0.16 -2.16
C ASP C 65 6.85 0.92 -2.23
N SER C 66 7.84 0.83 -1.36
CA SER C 66 8.93 1.81 -1.35
C SER C 66 9.68 1.81 -2.68
N ASN C 67 9.84 0.63 -3.29
CA ASN C 67 10.53 0.56 -4.57
C ASN C 67 9.74 1.35 -5.61
N GLY C 68 8.41 1.21 -5.57
CA GLY C 68 7.55 1.92 -6.51
C GLY C 68 7.71 3.43 -6.40
N ALA C 69 7.72 3.94 -5.18
CA ALA C 69 7.88 5.37 -4.96
C ALA C 69 9.26 5.82 -5.46
N TRP C 70 10.27 4.99 -5.23
CA TRP C 70 11.61 5.31 -5.67
C TRP C 70 11.66 5.37 -7.21
N ILE C 71 11.10 4.35 -7.85
CA ILE C 71 11.06 4.30 -9.31
C ILE C 71 10.42 5.55 -9.88
N ARG C 72 9.23 5.87 -9.39
CA ARG C 72 8.51 7.05 -9.88
C ARG C 72 9.28 8.35 -9.65
N GLN C 73 10.02 8.42 -8.55
CA GLN C 73 10.81 9.60 -8.23
C GLN C 73 11.95 9.74 -9.24
N GLN C 74 12.67 8.65 -9.47
CA GLN C 74 13.78 8.63 -10.43
C GLN C 74 13.32 9.00 -11.84
N ILE C 75 12.27 8.33 -12.31
CA ILE C 75 11.75 8.58 -13.65
C ILE C 75 11.39 10.04 -13.86
N LYS C 76 10.95 10.70 -12.79
CA LYS C 76 10.56 12.09 -12.91
C LYS C 76 11.71 12.96 -13.39
N ASN C 77 12.94 12.54 -13.14
CA ASN C 77 14.11 13.30 -13.55
C ASN C 77 14.51 13.03 -14.99
N GLU C 78 13.75 12.18 -15.68
CA GLU C 78 14.05 11.85 -17.07
C GLU C 78 13.06 12.52 -18.03
N PRO C 79 13.50 12.85 -19.25
CA PRO C 79 12.68 13.50 -20.27
C PRO C 79 11.69 12.55 -20.92
N LEU C 80 11.27 11.54 -20.16
CA LEU C 80 10.34 10.53 -20.65
C LEU C 80 9.00 10.69 -19.93
N MSE C 81 7.91 10.28 -20.58
CA MSE C 81 6.60 10.33 -19.94
C MSE C 81 6.27 8.91 -19.51
O MSE C 81 6.26 7.99 -20.32
CB MSE C 81 5.52 10.82 -20.91
CG MSE C 81 4.16 10.96 -20.26
SE MSE C 81 2.78 11.56 -21.48
CE MSE C 81 3.38 13.38 -21.73
N LEU C 82 6.02 8.71 -18.21
CA LEU C 82 5.67 7.39 -17.69
C LEU C 82 4.16 7.34 -17.50
N LEU C 83 3.53 6.32 -18.07
CA LEU C 83 2.09 6.16 -17.95
C LEU C 83 1.78 4.76 -17.45
N PRO C 84 0.75 4.63 -16.59
CA PRO C 84 -0.11 5.71 -16.08
C PRO C 84 0.52 6.47 -14.90
N ASP C 85 -0.13 7.55 -14.47
CA ASP C 85 0.37 8.34 -13.34
C ASP C 85 0.29 7.54 -12.06
N GLY C 86 -0.84 6.87 -11.86
CA GLY C 86 -1.04 6.11 -10.64
C GLY C 86 -0.27 4.81 -10.62
N HIS C 87 -0.29 4.15 -9.47
CA HIS C 87 0.40 2.89 -9.30
C HIS C 87 -0.63 1.80 -9.03
N PHE C 88 -0.17 0.55 -8.98
CA PHE C 88 -1.08 -0.57 -8.75
C PHE C 88 -0.88 -1.20 -7.38
N ASN C 89 -1.92 -1.88 -6.91
CA ASN C 89 -1.86 -2.53 -5.62
C ASN C 89 -1.09 -3.83 -5.79
N GLN C 90 0.23 -3.69 -5.86
CA GLN C 90 1.12 -4.82 -6.05
C GLN C 90 2.54 -4.40 -5.76
N HIS C 91 3.42 -5.38 -5.59
CA HIS C 91 4.83 -5.08 -5.37
C HIS C 91 5.36 -4.65 -6.73
N SER C 92 6.28 -3.69 -6.74
CA SER C 92 6.86 -3.26 -8.01
C SER C 92 7.71 -4.43 -8.47
N ASP C 93 7.84 -4.61 -9.78
CA ASP C 93 8.64 -5.70 -10.30
C ASP C 93 10.11 -5.50 -9.96
N THR C 94 10.82 -6.60 -9.73
CA THR C 94 12.23 -6.53 -9.40
C THR C 94 12.99 -7.62 -10.14
N SER C 95 14.30 -7.43 -10.25
CA SER C 95 15.15 -8.41 -10.93
C SER C 95 16.34 -8.71 -10.06
N ILE C 96 16.72 -10.00 -10.06
CA ILE C 96 17.88 -10.48 -9.34
C ILE C 96 18.89 -10.72 -10.44
N ILE C 97 20.02 -10.03 -10.40
CA ILE C 97 21.05 -10.23 -11.39
C ILE C 97 22.19 -10.99 -10.72
N LEU C 98 22.37 -12.24 -11.11
CA LEU C 98 23.42 -13.08 -10.53
C LEU C 98 24.69 -12.92 -11.36
N ASN C 99 25.66 -12.22 -10.80
CA ASN C 99 26.94 -11.97 -11.46
C ASN C 99 28.01 -12.91 -10.93
N SER C 100 28.45 -13.85 -11.75
CA SER C 100 29.49 -14.78 -11.33
C SER C 100 30.85 -14.20 -11.69
N ALA C 101 31.89 -14.62 -10.95
CA ALA C 101 33.23 -14.14 -11.20
C ALA C 101 33.67 -14.40 -12.65
N ASP C 102 33.09 -15.40 -13.30
CA ASP C 102 33.47 -15.72 -14.67
C ASP C 102 32.52 -15.27 -15.79
N GLY C 103 31.68 -16.19 -16.27
CA GLY C 103 30.76 -15.89 -17.35
C GLY C 103 29.78 -14.74 -17.22
N ASP C 104 28.77 -14.77 -18.09
CA ASP C 104 27.75 -13.73 -18.12
C ASP C 104 26.78 -13.83 -16.94
N ASN C 105 26.07 -12.74 -16.69
CA ASN C 105 25.09 -12.66 -15.63
C ASN C 105 23.86 -13.50 -15.94
N ALA C 106 23.18 -13.95 -14.88
CA ALA C 106 21.94 -14.71 -15.03
C ALA C 106 20.91 -13.80 -14.39
N ILE C 107 19.72 -13.70 -14.99
CA ILE C 107 18.71 -12.80 -14.43
C ILE C 107 17.36 -13.46 -14.19
N ILE C 108 16.75 -13.11 -13.07
CA ILE C 108 15.42 -13.61 -12.71
C ILE C 108 14.60 -12.36 -12.44
N THR C 109 13.49 -12.21 -13.16
CA THR C 109 12.64 -11.02 -13.04
C THR C 109 11.19 -11.37 -12.71
N THR C 110 10.58 -10.63 -11.78
CA THR C 110 9.18 -10.86 -11.41
C THR C 110 8.32 -10.11 -12.42
N THR C 111 7.03 -10.46 -12.47
CA THR C 111 6.10 -9.85 -13.41
C THR C 111 4.73 -9.52 -12.81
N ALA C 112 4.58 -9.69 -11.49
CA ALA C 112 3.31 -9.43 -10.83
C ALA C 112 2.72 -8.05 -11.11
N ALA C 113 3.56 -7.02 -11.18
CA ALA C 113 3.06 -5.68 -11.45
C ALA C 113 2.64 -5.54 -12.91
N ALA C 114 3.52 -5.96 -13.82
CA ALA C 114 3.20 -5.89 -15.24
C ALA C 114 1.94 -6.70 -15.55
N ASP C 115 1.84 -7.88 -14.95
CA ASP C 115 0.69 -8.76 -15.17
C ASP C 115 -0.64 -8.14 -14.78
N THR C 116 -0.61 -7.23 -13.81
CA THR C 116 -1.83 -6.57 -13.33
C THR C 116 -2.31 -5.51 -14.30
N PHE C 117 -1.37 -4.94 -15.05
CA PHE C 117 -1.67 -3.88 -16.01
C PHE C 117 -2.23 -4.55 -17.28
N SER C 118 -3.55 -4.73 -17.29
CA SER C 118 -4.22 -5.39 -18.41
C SER C 118 -4.14 -4.65 -19.73
N LEU C 119 -4.32 -5.40 -20.80
CA LEU C 119 -4.29 -4.88 -22.14
C LEU C 119 -5.31 -3.75 -22.35
N ASP C 120 -6.50 -3.91 -21.79
CA ASP C 120 -7.53 -2.88 -21.93
C ASP C 120 -7.11 -1.58 -21.27
N GLU C 121 -6.29 -1.66 -20.23
CA GLU C 121 -5.85 -0.47 -19.52
C GLU C 121 -4.65 0.21 -20.20
N MSE C 122 -3.84 -0.59 -20.91
CA MSE C 122 -2.66 -0.08 -21.60
C MSE C 122 -2.94 0.67 -22.90
O MSE C 122 -2.41 1.75 -23.14
CB MSE C 122 -1.68 -1.24 -21.90
CG MSE C 122 -1.24 -2.03 -20.68
SE MSE C 122 0.15 -3.34 -21.15
CE MSE C 122 1.37 -3.05 -19.68
N ILE C 123 -3.79 0.08 -23.74
CA ILE C 123 -4.11 0.67 -25.04
C ILE C 123 -4.57 2.13 -25.02
N PRO C 124 -5.36 2.52 -24.00
CA PRO C 124 -5.81 3.92 -23.98
C PRO C 124 -4.63 4.91 -23.96
N HIS C 125 -3.47 4.44 -23.49
CA HIS C 125 -2.29 5.30 -23.43
C HIS C 125 -1.62 5.50 -24.78
N MSE C 126 -2.13 4.84 -25.81
CA MSE C 126 -1.59 4.96 -27.16
C MSE C 126 -2.64 5.66 -28.02
O MSE C 126 -2.44 5.85 -29.22
CB MSE C 126 -1.27 3.60 -27.77
CG MSE C 126 -0.05 2.91 -27.20
SE MSE C 126 0.32 1.24 -28.16
CE MSE C 126 -0.68 0.04 -27.02
N ALA C 127 -3.75 6.04 -27.40
CA ALA C 127 -4.86 6.70 -28.08
C ALA C 127 -4.44 7.85 -28.99
N ASP C 128 -3.40 8.57 -28.58
CA ASP C 128 -2.94 9.70 -29.36
C ASP C 128 -1.84 9.39 -30.36
N ALA C 129 -1.62 8.10 -30.63
CA ALA C 129 -0.60 7.71 -31.60
C ALA C 129 -1.11 7.96 -33.01
N VAL C 130 -0.19 8.13 -33.96
CA VAL C 130 -0.56 8.37 -35.35
C VAL C 130 0.27 7.49 -36.28
N ALA C 131 -0.21 7.31 -37.50
CA ALA C 131 0.51 6.50 -38.48
C ALA C 131 1.97 6.95 -38.50
N GLY C 132 2.89 6.01 -38.49
CA GLY C 132 4.30 6.37 -38.51
C GLY C 132 4.94 6.23 -37.13
N ASP C 133 4.15 6.39 -36.07
CA ASP C 133 4.70 6.24 -34.72
C ASP C 133 5.18 4.81 -34.54
N ILE C 134 6.02 4.59 -33.55
CA ILE C 134 6.60 3.30 -33.29
C ILE C 134 6.14 2.65 -31.99
N LEU C 135 5.93 1.33 -32.03
CA LEU C 135 5.58 0.58 -30.82
C LEU C 135 6.77 -0.33 -30.60
N LEU C 136 7.45 -0.15 -29.48
CA LEU C 136 8.61 -0.97 -29.14
C LEU C 136 8.29 -1.87 -27.97
N GLN C 137 8.51 -3.17 -28.12
CA GLN C 137 8.25 -4.12 -27.06
C GLN C 137 9.43 -5.02 -26.82
N GLN C 138 9.51 -5.60 -25.62
CA GLN C 138 10.56 -6.55 -25.31
C GLN C 138 9.87 -7.88 -25.02
N GLY C 139 10.47 -8.74 -24.21
CA GLY C 139 9.86 -10.03 -23.93
C GLY C 139 9.19 -10.16 -22.56
N ASN C 140 8.78 -9.04 -21.98
CA ASN C 140 8.15 -8.98 -20.67
C ASN C 140 6.76 -9.65 -20.60
N PHE C 141 5.99 -9.55 -21.69
CA PHE C 141 4.64 -10.11 -21.70
C PHE C 141 4.48 -11.49 -22.34
N SER C 142 3.33 -12.11 -22.07
CA SER C 142 3.01 -13.41 -22.63
C SER C 142 2.86 -13.26 -24.13
N LEU C 143 2.77 -14.40 -24.82
CA LEU C 143 2.60 -14.41 -26.26
C LEU C 143 1.35 -13.62 -26.67
N ASP C 144 0.23 -13.95 -26.04
CA ASP C 144 -1.05 -13.31 -26.34
C ASP C 144 -1.06 -11.80 -26.14
N LYS C 145 -0.51 -11.36 -25.01
CA LYS C 145 -0.47 -9.93 -24.70
C LYS C 145 0.45 -9.19 -25.66
N THR C 146 1.62 -9.76 -25.92
CA THR C 146 2.59 -9.16 -26.84
C THR C 146 2.03 -9.07 -28.26
N ARG C 147 1.45 -10.16 -28.73
CA ARG C 147 0.88 -10.19 -30.08
C ARG C 147 -0.27 -9.19 -30.23
N ALA C 148 -1.12 -9.10 -29.21
CA ALA C 148 -2.26 -8.20 -29.24
C ALA C 148 -1.80 -6.74 -29.40
N LEU C 149 -0.77 -6.36 -28.65
CA LEU C 149 -0.26 -5.00 -28.74
C LEU C 149 0.30 -4.70 -30.13
N PHE C 150 1.03 -5.66 -30.71
CA PHE C 150 1.57 -5.48 -32.05
C PHE C 150 0.46 -5.44 -33.10
N GLN C 151 -0.60 -6.22 -32.91
CA GLN C 151 -1.71 -6.21 -33.85
C GLN C 151 -2.42 -4.87 -33.74
N TYR C 152 -2.54 -4.36 -32.53
CA TYR C 152 -3.17 -3.06 -32.35
C TYR C 152 -2.34 -2.00 -33.07
N ALA C 153 -1.02 -2.04 -32.85
CA ALA C 153 -0.09 -1.10 -33.47
C ALA C 153 -0.25 -1.13 -34.98
N ARG C 154 -0.27 -2.35 -35.55
CA ARG C 154 -0.41 -2.52 -36.98
C ARG C 154 -1.73 -1.92 -37.47
N SER C 155 -2.80 -2.13 -36.72
CA SER C 155 -4.09 -1.60 -37.13
C SER C 155 -4.08 -0.07 -37.16
N ARG C 156 -3.20 0.55 -36.37
CA ARG C 156 -3.13 2.01 -36.33
C ARG C 156 -2.02 2.56 -37.22
N GLY C 157 -1.48 1.69 -38.08
CA GLY C 157 -0.43 2.09 -39.00
C GLY C 157 0.90 2.44 -38.36
N MSE C 158 1.20 1.82 -37.21
CA MSE C 158 2.45 2.08 -36.53
C MSE C 158 3.55 1.11 -36.94
O MSE C 158 3.26 0.00 -37.40
CB MSE C 158 2.24 2.00 -35.01
CG MSE C 158 1.17 2.95 -34.47
SE MSE C 158 0.77 2.64 -32.59
CE MSE C 158 2.39 3.36 -31.80
N THR C 159 4.80 1.54 -36.79
CA THR C 159 5.96 0.71 -37.10
C THR C 159 6.25 -0.10 -35.84
N THR C 160 6.57 -1.38 -35.99
CA THR C 160 6.83 -2.22 -34.82
C THR C 160 8.30 -2.65 -34.66
N VAL C 161 8.77 -2.60 -33.43
CA VAL C 161 10.15 -2.99 -33.11
C VAL C 161 10.06 -4.02 -32.01
N PHE C 162 10.77 -5.13 -32.17
CA PHE C 162 10.69 -6.19 -31.18
C PHE C 162 12.05 -6.71 -30.73
N ASN C 163 12.23 -6.80 -29.41
CA ASN C 163 13.44 -7.32 -28.79
C ASN C 163 12.94 -8.45 -27.90
N PRO C 164 12.86 -9.69 -28.43
CA PRO C 164 12.38 -10.87 -27.68
C PRO C 164 13.22 -11.31 -26.50
N SER C 165 13.33 -10.42 -25.51
CA SER C 165 14.13 -10.69 -24.32
C SER C 165 13.40 -10.16 -23.08
N PRO C 166 13.17 -11.03 -22.07
CA PRO C 166 13.53 -12.45 -21.99
C PRO C 166 12.88 -13.26 -23.11
N VAL C 167 13.53 -14.34 -23.53
CA VAL C 167 13.01 -15.14 -24.62
C VAL C 167 11.82 -16.00 -24.20
N ASN C 168 10.94 -16.28 -25.16
CA ASN C 168 9.76 -17.12 -24.96
C ASN C 168 9.72 -17.92 -26.24
N PRO C 169 9.77 -19.26 -26.15
CA PRO C 169 9.74 -20.11 -27.34
C PRO C 169 8.66 -19.71 -28.35
N ASP C 170 7.48 -19.38 -27.83
CA ASP C 170 6.34 -19.02 -28.67
C ASP C 170 6.45 -17.70 -29.43
N PHE C 171 7.47 -16.90 -29.11
CA PHE C 171 7.67 -15.63 -29.80
C PHE C 171 8.00 -15.85 -31.26
N CYS C 172 8.44 -17.05 -31.61
CA CYS C 172 8.81 -17.32 -33.00
C CYS C 172 7.65 -17.16 -33.98
N HIS C 173 6.44 -17.10 -33.45
CA HIS C 173 5.24 -16.94 -34.29
C HIS C 173 4.86 -15.47 -34.52
N LEU C 174 5.68 -14.54 -34.05
CA LEU C 174 5.40 -13.11 -34.16
C LEU C 174 6.08 -12.35 -35.29
N TRP C 175 7.11 -12.93 -35.88
CA TRP C 175 7.86 -12.21 -36.91
C TRP C 175 7.09 -11.51 -38.02
N PRO C 176 5.98 -12.11 -38.51
CA PRO C 176 5.25 -11.42 -39.58
C PRO C 176 4.66 -10.05 -39.18
N LEU C 177 4.58 -9.81 -37.87
CA LEU C 177 4.05 -8.55 -37.36
C LEU C 177 5.16 -7.55 -37.04
N ILE C 178 6.41 -8.01 -37.16
CA ILE C 178 7.56 -7.18 -36.81
C ILE C 178 8.28 -6.49 -37.97
N ASP C 179 8.54 -5.20 -37.81
CA ASP C 179 9.26 -4.43 -38.82
C ASP C 179 10.76 -4.44 -38.54
N ILE C 180 11.13 -4.20 -37.29
CA ILE C 180 12.53 -4.18 -36.90
C ILE C 180 12.71 -5.14 -35.73
N ALA C 181 13.63 -6.09 -35.88
CA ALA C 181 13.87 -7.07 -34.83
C ALA C 181 15.32 -6.98 -34.36
N VAL C 182 15.50 -6.92 -33.04
CA VAL C 182 16.83 -6.87 -32.44
C VAL C 182 16.96 -8.07 -31.51
N VAL C 183 17.94 -8.91 -31.77
CA VAL C 183 18.16 -10.11 -30.98
C VAL C 183 19.65 -10.33 -30.76
N ASN C 184 20.00 -11.11 -29.75
CA ASN C 184 21.41 -11.44 -29.54
C ASN C 184 21.59 -12.79 -30.28
N GLU C 185 22.80 -13.33 -30.31
CA GLU C 185 23.01 -14.58 -31.05
C GLU C 185 22.18 -15.75 -30.56
N SER C 186 21.97 -15.85 -29.26
CA SER C 186 21.17 -16.94 -28.70
C SER C 186 19.72 -16.87 -29.19
N GLU C 187 19.14 -15.68 -29.10
CA GLU C 187 17.76 -15.46 -29.53
C GLU C 187 17.57 -15.71 -31.02
N ALA C 188 18.53 -15.27 -31.81
CA ALA C 188 18.46 -15.44 -33.26
C ALA C 188 18.29 -16.91 -33.65
N GLU C 189 19.05 -17.78 -32.99
CA GLU C 189 18.98 -19.20 -33.30
C GLU C 189 17.75 -19.83 -32.68
N LEU C 190 17.43 -19.41 -31.47
CA LEU C 190 16.29 -19.94 -30.75
C LEU C 190 14.94 -19.56 -31.36
N LEU C 191 14.84 -18.35 -31.91
CA LEU C 191 13.59 -17.87 -32.49
C LEU C 191 13.56 -17.74 -34.00
N GLN C 192 14.69 -17.99 -34.66
CA GLN C 192 14.79 -17.92 -36.12
C GLN C 192 14.00 -16.81 -36.80
N PRO C 193 14.41 -15.54 -36.62
CA PRO C 193 13.70 -14.42 -37.27
C PRO C 193 13.78 -14.59 -38.78
N TYR C 194 12.69 -14.25 -39.46
CA TYR C 194 12.64 -14.36 -40.91
C TYR C 194 11.69 -13.32 -41.47
N GLY C 195 11.92 -12.93 -42.72
CA GLY C 195 11.07 -11.95 -43.37
C GLY C 195 10.91 -10.61 -42.70
N VAL C 196 11.87 -10.24 -41.84
CA VAL C 196 11.80 -8.95 -41.16
C VAL C 196 12.66 -7.97 -41.96
N LYS C 197 12.09 -6.82 -42.31
CA LYS C 197 12.81 -5.82 -43.09
C LYS C 197 14.19 -5.50 -42.51
N THR C 198 14.25 -5.30 -41.20
CA THR C 198 15.53 -5.00 -40.55
C THR C 198 15.78 -5.98 -39.42
N LEU C 199 16.91 -6.68 -39.48
CA LEU C 199 17.27 -7.63 -38.45
C LEU C 199 18.65 -7.27 -37.92
N VAL C 200 18.74 -7.19 -36.59
CA VAL C 200 20.02 -6.89 -35.94
C VAL C 200 20.34 -8.02 -34.99
N ILE C 201 21.52 -8.60 -35.16
CA ILE C 201 21.96 -9.69 -34.29
C ILE C 201 23.19 -9.18 -33.55
N THR C 202 23.07 -8.98 -32.25
CA THR C 202 24.19 -8.52 -31.45
C THR C 202 25.01 -9.70 -30.92
N GLN C 203 26.31 -9.49 -30.77
CA GLN C 203 27.21 -10.55 -30.31
C GLN C 203 28.21 -10.07 -29.26
N GLY C 204 27.71 -9.36 -28.25
CA GLY C 204 28.57 -8.86 -27.19
C GLY C 204 29.82 -8.15 -27.65
N ALA C 205 30.95 -8.46 -27.00
CA ALA C 205 32.21 -7.81 -27.35
C ALA C 205 32.59 -8.06 -28.81
N ALA C 206 31.93 -9.04 -29.44
CA ALA C 206 32.18 -9.40 -30.83
C ALA C 206 31.30 -8.66 -31.84
N GLY C 207 30.85 -7.46 -31.49
CA GLY C 207 30.05 -6.64 -32.40
C GLY C 207 28.60 -6.99 -32.66
N ALA C 208 28.11 -6.55 -33.81
CA ALA C 208 26.72 -6.79 -34.20
C ALA C 208 26.54 -6.80 -35.71
N TRP C 209 25.59 -7.59 -36.18
CA TRP C 209 25.29 -7.68 -37.60
C TRP C 209 24.01 -6.95 -37.95
N LEU C 210 24.00 -6.29 -39.10
CA LEU C 210 22.81 -5.63 -39.61
C LEU C 210 22.43 -6.46 -40.85
N VAL C 211 21.24 -7.04 -40.85
CA VAL C 211 20.79 -7.86 -41.97
C VAL C 211 19.54 -7.24 -42.60
N GLN C 212 19.69 -6.75 -43.83
CA GLN C 212 18.59 -6.12 -44.56
C GLN C 212 18.58 -6.53 -46.03
N GLU C 213 17.38 -6.63 -46.61
CA GLU C 213 17.21 -6.99 -48.02
C GLU C 213 18.41 -7.73 -48.60
N GLY C 214 18.67 -8.93 -48.08
CA GLY C 214 19.77 -9.74 -48.56
C GLY C 214 21.16 -9.34 -48.10
N GLN C 215 21.39 -8.05 -47.85
CA GLN C 215 22.69 -7.56 -47.43
C GLN C 215 22.99 -7.71 -45.94
N ARG C 216 24.24 -8.07 -45.63
CA ARG C 216 24.67 -8.24 -44.25
C ARG C 216 25.87 -7.34 -44.03
N GLN C 217 25.83 -6.58 -42.94
CA GLN C 217 26.94 -5.69 -42.60
C GLN C 217 27.32 -5.91 -41.16
N PHE C 218 28.61 -6.05 -40.90
CA PHE C 218 29.08 -6.28 -39.55
C PHE C 218 29.66 -5.02 -38.92
N CYS C 219 29.21 -4.73 -37.71
CA CYS C 219 29.71 -3.56 -36.99
C CYS C 219 30.49 -4.06 -35.78
N PRO C 220 31.79 -3.79 -35.74
CA PRO C 220 32.60 -4.23 -34.61
C PRO C 220 32.26 -3.45 -33.36
N ALA C 221 32.46 -4.07 -32.20
CA ALA C 221 32.20 -3.41 -30.93
C ALA C 221 33.33 -2.43 -30.65
N VAL C 222 33.04 -1.40 -29.85
CA VAL C 222 34.03 -0.41 -29.45
C VAL C 222 34.74 -1.02 -28.24
N PRO C 223 36.08 -1.19 -28.31
CA PRO C 223 36.73 -1.79 -27.13
C PRO C 223 36.39 -1.07 -25.82
N ALA C 224 36.14 -1.86 -24.78
CA ALA C 224 35.77 -1.29 -23.48
C ALA C 224 36.12 -2.22 -22.33
N GLU C 225 36.33 -1.65 -21.16
CA GLU C 225 36.60 -2.43 -19.98
C GLU C 225 35.21 -2.79 -19.46
N ALA C 226 34.87 -4.06 -19.50
CA ALA C 226 33.56 -4.52 -19.06
C ALA C 226 33.42 -4.66 -17.55
N LEU C 227 33.15 -3.55 -16.87
CA LEU C 227 32.99 -3.59 -15.43
C LEU C 227 31.61 -4.15 -15.08
N ASP C 228 30.60 -3.80 -15.88
CA ASP C 228 29.23 -4.27 -15.66
C ASP C 228 28.51 -4.21 -17.01
N THR C 229 28.16 -5.37 -17.57
CA THR C 229 27.51 -5.43 -18.88
C THR C 229 26.00 -5.26 -18.85
N THR C 230 25.42 -5.16 -17.65
CA THR C 230 23.98 -5.00 -17.54
C THR C 230 23.46 -3.82 -18.36
N GLY C 231 22.44 -4.07 -19.18
CA GLY C 231 21.86 -3.02 -20.00
C GLY C 231 22.57 -2.69 -21.30
N ALA C 232 23.61 -3.45 -21.63
CA ALA C 232 24.35 -3.23 -22.86
C ALA C 232 23.43 -3.36 -24.09
N GLY C 233 22.65 -4.44 -24.11
CA GLY C 233 21.74 -4.66 -25.23
C GLY C 233 20.65 -3.59 -25.32
N ASP C 234 20.15 -3.16 -24.17
CA ASP C 234 19.12 -2.14 -24.15
C ASP C 234 19.69 -0.83 -24.67
N THR C 235 20.93 -0.54 -24.29
CA THR C 235 21.55 0.68 -24.73
C THR C 235 21.74 0.66 -26.24
N PHE C 236 22.22 -0.48 -26.73
CA PHE C 236 22.47 -0.66 -28.16
C PHE C 236 21.18 -0.48 -28.96
N LEU C 237 20.11 -1.15 -28.56
CA LEU C 237 18.84 -1.03 -29.28
C LEU C 237 18.35 0.40 -29.30
N ALA C 238 18.29 1.02 -28.13
CA ALA C 238 17.82 2.40 -27.99
C ALA C 238 18.58 3.41 -28.82
N VAL C 239 19.90 3.38 -28.75
CA VAL C 239 20.70 4.34 -29.49
C VAL C 239 20.67 4.08 -30.99
N MSE C 240 20.61 2.81 -31.39
CA MSE C 240 20.56 2.49 -32.81
C MSE C 240 19.26 3.05 -33.38
O MSE C 240 19.25 3.70 -34.44
CB MSE C 240 20.58 0.98 -33.00
CG MSE C 240 20.42 0.57 -34.46
SE MSE C 240 19.64 -1.19 -34.57
CE MSE C 240 17.79 -0.70 -34.45
N LEU C 241 18.15 2.79 -32.68
CA LEU C 241 16.85 3.29 -33.12
C LEU C 241 16.82 4.82 -33.12
N ALA C 242 17.38 5.43 -32.08
CA ALA C 242 17.43 6.88 -31.98
C ALA C 242 18.22 7.50 -33.13
N SER C 243 19.39 6.94 -33.40
CA SER C 243 20.25 7.45 -34.46
C SER C 243 19.51 7.45 -35.80
N ALA C 244 18.88 6.32 -36.12
CA ALA C 244 18.14 6.19 -37.37
C ALA C 244 17.01 7.23 -37.41
N LEU C 245 16.24 7.30 -36.32
CA LEU C 245 15.12 8.23 -36.21
C LEU C 245 15.55 9.69 -36.39
N LEU C 246 16.63 10.08 -35.73
CA LEU C 246 17.14 11.44 -35.82
C LEU C 246 17.56 11.80 -37.24
N ARG C 247 18.07 10.83 -37.98
CA ARG C 247 18.51 11.06 -39.35
C ARG C 247 17.44 10.69 -40.37
N GLY C 248 16.28 10.26 -39.88
CA GLY C 248 15.18 9.90 -40.75
C GLY C 248 15.45 8.79 -41.75
N VAL C 249 16.13 7.74 -41.31
CA VAL C 249 16.42 6.62 -42.20
C VAL C 249 16.15 5.31 -41.50
N ALA C 250 16.19 4.21 -42.25
CA ALA C 250 16.00 2.90 -41.66
C ALA C 250 17.34 2.64 -40.97
N PRO C 251 17.36 1.76 -39.97
CA PRO C 251 18.64 1.50 -39.30
C PRO C 251 19.70 1.21 -40.35
N ASP C 252 20.89 1.79 -40.18
CA ASP C 252 21.99 1.60 -41.12
C ASP C 252 23.32 1.38 -40.40
N ALA C 253 24.39 1.28 -41.17
CA ALA C 253 25.72 1.07 -40.58
C ALA C 253 26.07 2.13 -39.55
N LEU C 254 25.76 3.38 -39.84
CA LEU C 254 26.07 4.46 -38.91
C LEU C 254 25.31 4.30 -37.59
N ALA C 255 24.03 3.88 -37.67
CA ALA C 255 23.24 3.70 -36.46
C ALA C 255 23.92 2.65 -35.56
N LEU C 256 24.42 1.59 -36.15
CA LEU C 256 25.07 0.55 -35.35
C LEU C 256 26.38 1.05 -34.75
N ALA C 257 27.07 1.94 -35.48
CA ALA C 257 28.32 2.48 -34.97
C ALA C 257 27.99 3.33 -33.74
N HIS C 258 26.98 4.19 -33.87
CA HIS C 258 26.57 5.03 -32.74
C HIS C 258 26.21 4.12 -31.56
N ALA C 259 25.38 3.12 -31.83
CA ALA C 259 24.93 2.18 -30.80
C ALA C 259 26.10 1.49 -30.09
N SER C 260 27.12 1.13 -30.87
CA SER C 260 28.30 0.46 -30.32
C SER C 260 29.05 1.35 -29.34
N ARG C 261 29.20 2.62 -29.70
CA ARG C 261 29.91 3.57 -28.85
C ARG C 261 29.13 3.81 -27.55
N ALA C 262 27.81 3.81 -27.65
CA ALA C 262 26.97 4.05 -26.47
C ALA C 262 26.99 2.84 -25.55
N ALA C 263 26.86 1.65 -26.13
CA ALA C 263 26.86 0.43 -25.34
C ALA C 263 28.21 0.23 -24.65
N ALA C 264 29.27 0.73 -25.25
CA ALA C 264 30.61 0.59 -24.65
C ALA C 264 30.62 1.39 -23.34
N ILE C 265 29.99 2.55 -23.34
CA ILE C 265 29.95 3.36 -22.14
C ILE C 265 29.22 2.58 -21.05
N THR C 266 28.05 2.04 -21.41
CA THR C 266 27.27 1.27 -20.46
C THR C 266 28.05 0.11 -19.85
N VAL C 267 28.79 -0.65 -20.66
CA VAL C 267 29.54 -1.78 -20.11
C VAL C 267 30.70 -1.32 -19.24
N SER C 268 31.19 -0.10 -19.48
CA SER C 268 32.30 0.41 -18.69
C SER C 268 31.84 0.97 -17.34
N ARG C 269 30.53 1.05 -17.13
CA ARG C 269 29.99 1.60 -15.89
C ARG C 269 29.17 0.60 -15.09
N ARG C 270 29.07 0.82 -13.78
CA ARG C 270 28.33 -0.07 -12.89
C ARG C 270 26.88 0.33 -12.65
N GLY C 271 26.02 -0.68 -12.49
CA GLY C 271 24.60 -0.45 -12.25
C GLY C 271 23.76 -0.61 -13.50
N THR C 272 22.55 -0.05 -13.47
CA THR C 272 21.67 -0.12 -14.63
C THR C 272 21.45 1.32 -15.10
N LEU C 273 20.39 1.98 -14.63
CA LEU C 273 20.13 3.36 -15.02
C LEU C 273 21.36 4.25 -14.78
N SER C 274 22.04 4.00 -13.68
CA SER C 274 23.22 4.80 -13.32
C SER C 274 24.42 4.57 -14.25
N ALA C 275 24.38 3.51 -15.05
CA ALA C 275 25.49 3.21 -15.96
C ALA C 275 25.26 3.74 -17.37
N PHE C 276 24.02 4.14 -17.68
CA PHE C 276 23.72 4.62 -19.03
C PHE C 276 24.28 5.98 -19.37
N PRO C 277 24.60 6.20 -20.67
CA PRO C 277 25.13 7.49 -21.11
C PRO C 277 24.09 8.56 -20.82
N GLY C 278 24.54 9.74 -20.42
CA GLY C 278 23.63 10.83 -20.13
C GLY C 278 23.27 11.56 -21.41
N SER C 279 22.25 12.42 -21.36
CA SER C 279 21.80 13.16 -22.54
C SER C 279 22.91 13.87 -23.29
N ARG C 280 23.80 14.56 -22.58
CA ARG C 280 24.89 15.26 -23.27
C ARG C 280 25.86 14.32 -23.94
N GLU C 281 26.23 13.24 -23.25
CA GLU C 281 27.15 12.27 -23.81
C GLU C 281 26.56 11.69 -25.09
N LEU C 282 25.26 11.43 -25.06
CA LEU C 282 24.58 10.86 -26.21
C LEU C 282 24.54 11.85 -27.37
N ALA C 283 24.24 13.12 -27.06
CA ALA C 283 24.18 14.14 -28.11
C ALA C 283 25.53 14.25 -28.81
N ALA C 284 26.61 14.36 -28.04
CA ALA C 284 27.94 14.48 -28.61
C ALA C 284 28.28 13.23 -29.41
N LEU C 285 27.83 12.09 -28.91
CA LEU C 285 28.06 10.81 -29.55
C LEU C 285 27.35 10.69 -30.90
N LEU C 286 26.11 11.17 -30.95
CA LEU C 286 25.30 11.09 -32.16
C LEU C 286 25.66 12.08 -33.27
N THR C 287 26.46 13.08 -32.96
CA THR C 287 26.85 14.06 -33.96
C THR C 287 28.25 13.78 -34.48
N SER D 2 -5.07 49.69 -0.18
CA SER D 2 -5.48 50.27 1.13
C SER D 2 -6.92 49.91 1.50
N LEU D 3 -7.74 49.55 0.50
CA LEU D 3 -9.09 49.11 0.79
C LEU D 3 -8.87 47.70 1.32
N ARG D 4 -9.68 47.27 2.27
CA ARG D 4 -9.56 45.93 2.85
C ARG D 4 -10.81 45.10 2.54
N VAL D 5 -10.65 43.78 2.57
CA VAL D 5 -11.75 42.87 2.28
C VAL D 5 -12.10 42.05 3.51
N TYR D 6 -13.40 41.95 3.78
CA TYR D 6 -13.90 41.17 4.90
C TYR D 6 -14.73 40.08 4.24
N VAL D 7 -14.39 38.83 4.53
CA VAL D 7 -15.12 37.73 3.94
C VAL D 7 -15.87 36.99 5.04
N THR D 8 -17.20 36.99 4.95
CA THR D 8 -18.03 36.29 5.91
C THR D 8 -18.52 35.07 5.17
N GLY D 9 -18.02 33.91 5.56
CA GLY D 9 -18.42 32.68 4.89
C GLY D 9 -18.07 31.45 5.70
N ASN D 10 -17.86 30.33 5.02
CA ASN D 10 -17.54 29.10 5.72
C ASN D 10 -16.13 28.61 5.45
N ILE D 11 -15.70 27.65 6.25
CA ILE D 11 -14.39 27.04 6.10
C ILE D 11 -14.64 25.56 6.38
N THR D 12 -14.03 24.69 5.57
CA THR D 12 -14.25 23.26 5.72
C THR D 12 -13.05 22.39 5.41
N VAL D 13 -13.29 21.09 5.53
CA VAL D 13 -12.30 20.08 5.17
C VAL D 13 -13.01 19.42 4.00
N ASP D 14 -12.39 19.48 2.82
CA ASP D 14 -12.96 18.88 1.62
C ASP D 14 -12.46 17.45 1.46
N GLU D 15 -13.39 16.51 1.27
CA GLU D 15 -13.04 15.12 1.06
C GLU D 15 -13.43 14.81 -0.37
N THR D 16 -12.48 14.37 -1.19
CA THR D 16 -12.81 14.07 -2.57
C THR D 16 -12.93 12.57 -2.79
N TRP D 17 -14.11 12.14 -3.23
CA TRP D 17 -14.39 10.74 -3.49
C TRP D 17 -14.50 10.52 -4.98
N SER D 18 -13.73 9.57 -5.49
CA SER D 18 -13.80 9.25 -6.91
C SER D 18 -14.77 8.09 -7.05
N ILE D 19 -15.78 8.28 -7.90
CA ILE D 19 -16.79 7.26 -8.13
C ILE D 19 -17.07 7.17 -9.63
N PRO D 20 -17.67 6.06 -10.08
CA PRO D 20 -17.97 5.91 -11.50
C PRO D 20 -19.09 6.84 -11.94
N ASP D 21 -20.12 6.96 -11.11
CA ASP D 21 -21.25 7.82 -11.41
C ASP D 21 -22.06 8.01 -10.14
N ILE D 22 -22.79 9.12 -10.05
CA ILE D 22 -23.59 9.38 -8.87
C ILE D 22 -24.58 8.24 -8.68
N PRO D 23 -24.65 7.69 -7.46
CA PRO D 23 -25.55 6.59 -7.12
C PRO D 23 -27.04 6.93 -7.18
N LYS D 24 -27.84 5.98 -7.67
CA LYS D 24 -29.28 6.14 -7.76
C LYS D 24 -29.77 5.89 -6.34
N LYS D 25 -30.87 6.53 -5.94
CA LYS D 25 -31.41 6.39 -4.59
C LYS D 25 -31.44 5.01 -3.95
N GLY D 26 -31.41 3.95 -4.75
CA GLY D 26 -31.46 2.61 -4.17
C GLY D 26 -30.14 1.85 -4.29
N ALA D 27 -29.22 2.39 -5.07
CA ALA D 27 -27.94 1.76 -5.30
C ALA D 27 -26.91 1.95 -4.19
N SER D 28 -25.95 1.04 -4.15
CA SER D 28 -24.86 1.04 -3.19
C SER D 28 -23.61 0.87 -4.06
N ILE D 29 -22.77 1.89 -4.11
CA ILE D 29 -21.59 1.82 -4.97
C ILE D 29 -20.24 1.89 -4.25
N HIS D 30 -19.20 1.51 -4.98
CA HIS D 30 -17.85 1.54 -4.45
C HIS D 30 -17.21 2.86 -4.83
N GLY D 31 -16.35 3.37 -3.94
CA GLY D 31 -15.68 4.63 -4.21
C GLY D 31 -14.23 4.59 -3.77
N VAL D 32 -13.52 5.68 -4.01
CA VAL D 32 -12.11 5.78 -3.64
C VAL D 32 -11.80 7.19 -3.14
N LYS D 33 -11.41 7.31 -1.88
CA LYS D 33 -11.07 8.63 -1.34
C LYS D 33 -9.76 9.02 -1.96
N VAL D 34 -9.75 10.16 -2.66
CA VAL D 34 -8.53 10.60 -3.32
C VAL D 34 -7.80 11.71 -2.58
N SER D 35 -8.50 12.43 -1.70
CA SER D 35 -7.86 13.49 -0.95
C SER D 35 -8.73 14.16 0.09
N GLN D 36 -8.05 14.89 0.98
CA GLN D 36 -8.66 15.67 2.03
C GLN D 36 -7.82 16.94 2.06
N ASP D 37 -8.48 18.09 2.02
CA ASP D 37 -7.77 19.36 2.01
C ASP D 37 -8.62 20.40 2.71
N ILE D 38 -8.03 21.56 2.99
CA ILE D 38 -8.76 22.65 3.62
C ILE D 38 -9.52 23.31 2.47
N GLY D 39 -10.80 23.63 2.69
CA GLY D 39 -11.60 24.24 1.65
C GLY D 39 -12.68 25.16 2.21
N GLY D 40 -13.72 25.39 1.43
CA GLY D 40 -14.80 26.25 1.88
C GLY D 40 -14.88 27.46 0.96
N LYS D 41 -16.07 27.80 0.49
CA LYS D 41 -16.23 28.95 -0.41
C LYS D 41 -15.58 30.19 0.18
N GLY D 42 -15.84 30.44 1.46
CA GLY D 42 -15.29 31.60 2.13
C GLY D 42 -13.78 31.57 2.27
N ALA D 43 -13.25 30.47 2.80
CA ALA D 43 -11.80 30.35 3.00
C ALA D 43 -11.01 30.42 1.69
N ASN D 44 -11.47 29.72 0.66
CA ASN D 44 -10.76 29.73 -0.62
C ASN D 44 -10.60 31.15 -1.16
N GLN D 45 -11.71 31.87 -1.20
CA GLN D 45 -11.68 33.24 -1.72
C GLN D 45 -10.82 34.16 -0.86
N ALA D 46 -10.91 34.04 0.45
CA ALA D 46 -10.13 34.88 1.35
C ALA D 46 -8.64 34.57 1.27
N ILE D 47 -8.30 33.28 1.22
CA ILE D 47 -6.90 32.86 1.13
C ILE D 47 -6.25 33.38 -0.14
N ILE D 48 -6.92 33.22 -1.26
CA ILE D 48 -6.35 33.67 -2.53
C ILE D 48 -6.22 35.19 -2.57
N LEU D 49 -7.20 35.89 -2.03
CA LEU D 49 -7.12 37.35 -1.99
C LEU D 49 -5.87 37.79 -1.23
N SER D 50 -5.63 37.19 -0.07
CA SER D 50 -4.47 37.57 0.72
C SER D 50 -3.16 37.25 0.02
N ARG D 51 -3.14 36.14 -0.71
CA ARG D 51 -1.92 35.76 -1.44
C ARG D 51 -1.61 36.79 -2.51
N CYS D 52 -2.65 37.48 -2.98
CA CYS D 52 -2.49 38.50 -4.00
C CYS D 52 -2.02 39.81 -3.38
N GLY D 53 -1.91 39.83 -2.04
CA GLY D 53 -1.48 41.03 -1.36
C GLY D 53 -2.56 41.93 -0.81
N ILE D 54 -3.82 41.51 -0.91
CA ILE D 54 -4.92 42.32 -0.40
C ILE D 54 -5.08 42.01 1.08
N GLU D 55 -5.16 43.03 1.92
CA GLU D 55 -5.35 42.79 3.36
C GLU D 55 -6.75 42.22 3.48
N THR D 56 -6.84 40.96 3.91
CA THR D 56 -8.12 40.27 4.00
C THR D 56 -8.35 39.66 5.37
N ARG D 57 -9.62 39.59 5.76
CA ARG D 57 -9.97 39.03 7.04
C ARG D 57 -11.09 38.02 6.82
N LEU D 58 -10.89 36.79 7.28
CA LEU D 58 -11.90 35.75 7.11
C LEU D 58 -12.68 35.59 8.41
N ILE D 59 -14.00 35.77 8.32
CA ILE D 59 -14.88 35.64 9.47
C ILE D 59 -15.66 34.36 9.20
N ALA D 60 -15.24 33.27 9.85
CA ALA D 60 -15.89 31.99 9.64
C ALA D 60 -15.74 31.14 10.88
N ALA D 61 -16.63 30.16 11.03
CA ALA D 61 -16.62 29.30 12.21
C ALA D 61 -15.88 27.96 12.01
N THR D 62 -15.06 27.61 12.99
CA THR D 62 -14.34 26.32 12.96
C THR D 62 -14.85 25.56 14.19
N GLY D 63 -14.79 24.23 14.13
CA GLY D 63 -15.28 23.41 15.22
C GLY D 63 -14.31 23.03 16.33
N ASN D 64 -14.82 22.26 17.29
CA ASN D 64 -14.05 21.81 18.44
C ASN D 64 -13.55 20.38 18.26
N ASP D 65 -13.30 19.98 17.01
CA ASP D 65 -12.81 18.64 16.72
C ASP D 65 -11.40 18.69 16.15
N SER D 66 -10.89 17.55 15.70
CA SER D 66 -9.54 17.50 15.14
C SER D 66 -9.49 18.26 13.82
N ASN D 67 -10.58 18.22 13.06
CA ASN D 67 -10.63 18.94 11.79
C ASN D 67 -10.43 20.43 12.06
N GLY D 68 -11.13 20.92 13.07
CA GLY D 68 -11.02 22.32 13.43
C GLY D 68 -9.59 22.71 13.76
N ALA D 69 -8.93 21.87 14.56
CA ALA D 69 -7.55 22.14 14.93
C ALA D 69 -6.68 22.17 13.69
N TRP D 70 -6.94 21.23 12.77
CA TRP D 70 -6.18 21.15 11.53
C TRP D 70 -6.42 22.40 10.68
N ILE D 71 -7.68 22.79 10.57
CA ILE D 71 -8.03 23.98 9.79
C ILE D 71 -7.35 25.23 10.35
N ARG D 72 -7.55 25.49 11.65
CA ARG D 72 -6.96 26.66 12.29
C ARG D 72 -5.45 26.74 12.12
N GLN D 73 -4.78 25.59 12.17
CA GLN D 73 -3.33 25.53 12.01
C GLN D 73 -2.92 25.88 10.59
N GLN D 74 -3.66 25.35 9.62
CA GLN D 74 -3.36 25.60 8.21
C GLN D 74 -3.53 27.08 7.85
N ILE D 75 -4.56 27.70 8.42
CA ILE D 75 -4.83 29.11 8.16
C ILE D 75 -3.77 29.99 8.79
N LYS D 76 -3.34 29.61 9.99
CA LYS D 76 -2.31 30.33 10.71
C LYS D 76 -1.00 30.28 9.90
N ASN D 77 -0.82 29.17 9.17
CA ASN D 77 0.35 28.96 8.33
C ASN D 77 0.37 29.70 7.00
N GLU D 78 -0.74 30.32 6.63
CA GLU D 78 -0.82 31.03 5.36
C GLU D 78 0.16 32.21 5.20
N PRO D 79 0.08 33.25 6.05
CA PRO D 79 -0.86 33.36 7.16
C PRO D 79 -2.08 34.21 6.73
N LEU D 80 -3.23 34.01 7.38
CA LEU D 80 -4.46 34.75 7.08
C LEU D 80 -5.21 34.93 8.39
N MSE D 81 -5.71 36.13 8.61
CA MSE D 81 -6.47 36.41 9.84
C MSE D 81 -7.81 35.69 9.78
O MSE D 81 -8.65 35.98 8.92
CB MSE D 81 -6.71 37.91 9.98
CG MSE D 81 -5.46 38.74 10.25
SE MSE D 81 -5.91 40.62 10.45
CE MSE D 81 -7.28 40.45 11.81
N LEU D 82 -8.00 34.75 10.69
CA LEU D 82 -9.23 34.00 10.79
C LEU D 82 -9.97 34.42 12.06
N LEU D 83 -11.20 34.89 11.90
CA LEU D 83 -11.98 35.33 13.05
C LEU D 83 -13.27 34.52 13.18
N PRO D 84 -13.69 34.22 14.43
CA PRO D 84 -13.02 34.60 15.67
C PRO D 84 -11.79 33.75 15.96
N ASP D 85 -11.20 34.02 17.11
CA ASP D 85 -10.01 33.32 17.57
C ASP D 85 -10.35 31.97 18.21
N GLY D 86 -11.58 31.82 18.68
CA GLY D 86 -11.98 30.57 19.30
C GLY D 86 -12.91 29.75 18.42
N HIS D 87 -13.16 28.51 18.83
CA HIS D 87 -14.03 27.62 18.06
C HIS D 87 -15.43 27.59 18.65
N PHE D 88 -16.33 26.87 17.99
CA PHE D 88 -17.72 26.75 18.46
C PHE D 88 -17.97 25.33 18.94
N ASN D 89 -18.96 25.18 19.82
CA ASN D 89 -19.30 23.87 20.38
C ASN D 89 -20.04 22.98 19.38
N GLN D 90 -19.40 22.70 18.25
CA GLN D 90 -19.97 21.84 17.22
C GLN D 90 -18.86 21.29 16.34
N HIS D 91 -19.24 20.41 15.40
CA HIS D 91 -18.29 19.80 14.48
C HIS D 91 -17.91 20.81 13.39
N SER D 92 -16.67 20.75 12.92
CA SER D 92 -16.24 21.66 11.85
C SER D 92 -16.96 21.26 10.59
N ASP D 93 -17.35 22.24 9.78
CA ASP D 93 -18.06 21.92 8.54
C ASP D 93 -17.13 21.14 7.63
N THR D 94 -17.73 20.31 6.78
CA THR D 94 -16.99 19.50 5.85
C THR D 94 -17.77 19.38 4.55
N SER D 95 -17.05 19.11 3.47
CA SER D 95 -17.69 18.97 2.16
C SER D 95 -17.31 17.65 1.52
N ILE D 96 -18.32 16.94 1.01
CA ILE D 96 -18.07 15.69 0.31
C ILE D 96 -18.09 16.08 -1.17
N ILE D 97 -16.99 15.82 -1.85
CA ILE D 97 -16.89 16.15 -3.26
C ILE D 97 -16.88 14.85 -4.06
N LEU D 98 -18.02 14.53 -4.66
CA LEU D 98 -18.14 13.32 -5.46
C LEU D 98 -17.58 13.59 -6.85
N ASN D 99 -16.35 13.15 -7.07
CA ASN D 99 -15.70 13.34 -8.36
C ASN D 99 -16.33 12.43 -9.39
N SER D 100 -17.18 13.06 -10.19
CA SER D 100 -17.92 12.43 -11.27
C SER D 100 -17.33 11.12 -11.78
N ALA D 101 -16.36 11.23 -12.67
CA ALA D 101 -15.66 10.12 -13.31
C ALA D 101 -15.41 10.57 -14.74
N ASP D 102 -16.16 11.58 -15.14
CA ASP D 102 -16.07 12.17 -16.47
C ASP D 102 -16.81 13.50 -16.49
N GLY D 103 -17.96 13.54 -15.83
CA GLY D 103 -18.76 14.75 -15.80
C GLY D 103 -18.38 15.73 -14.70
N ASP D 104 -19.35 16.56 -14.30
CA ASP D 104 -19.12 17.56 -13.25
C ASP D 104 -19.20 16.97 -11.86
N ASN D 105 -18.36 17.49 -10.96
CA ASN D 105 -18.36 17.04 -9.58
C ASN D 105 -19.65 17.47 -8.91
N ALA D 106 -20.10 16.70 -7.94
CA ALA D 106 -21.31 17.03 -7.18
C ALA D 106 -20.80 17.27 -5.77
N ILE D 107 -21.34 18.27 -5.09
CA ILE D 107 -20.88 18.60 -3.75
C ILE D 107 -21.97 18.71 -2.70
N ILE D 108 -21.69 18.21 -1.51
CA ILE D 108 -22.60 18.27 -0.38
C ILE D 108 -21.83 18.87 0.79
N THR D 109 -22.28 20.01 1.28
CA THR D 109 -21.61 20.69 2.38
C THR D 109 -22.47 20.85 3.63
N THR D 110 -21.87 20.62 4.78
CA THR D 110 -22.57 20.77 6.06
C THR D 110 -22.47 22.24 6.48
N THR D 111 -23.40 22.68 7.31
CA THR D 111 -23.42 24.07 7.75
C THR D 111 -23.59 24.23 9.26
N ALA D 112 -23.57 23.12 9.98
CA ALA D 112 -23.73 23.14 11.43
C ALA D 112 -22.89 24.21 12.12
N ALA D 113 -21.61 24.30 11.76
CA ALA D 113 -20.71 25.28 12.37
C ALA D 113 -21.09 26.71 11.97
N ALA D 114 -21.24 26.93 10.67
CA ALA D 114 -21.59 28.25 10.17
C ALA D 114 -22.89 28.75 10.77
N ASP D 115 -23.83 27.84 10.99
CA ASP D 115 -25.14 28.18 11.55
C ASP D 115 -25.11 28.61 13.01
N THR D 116 -24.08 28.20 13.74
CA THR D 116 -23.97 28.56 15.16
C THR D 116 -23.33 29.93 15.37
N PHE D 117 -22.58 30.39 14.38
CA PHE D 117 -21.90 31.67 14.49
C PHE D 117 -22.86 32.78 14.92
N SER D 118 -23.87 33.03 14.08
CA SER D 118 -24.90 34.04 14.34
C SER D 118 -24.52 35.45 13.91
N LEU D 119 -25.47 36.12 13.28
CA LEU D 119 -25.32 37.48 12.76
C LEU D 119 -24.74 38.48 13.76
N ASP D 120 -25.34 38.54 14.94
CA ASP D 120 -24.91 39.46 15.99
C ASP D 120 -23.51 39.18 16.49
N GLU D 121 -22.99 37.99 16.17
CA GLU D 121 -21.66 37.62 16.61
C GLU D 121 -20.61 37.91 15.53
N MSE D 122 -21.05 37.92 14.27
CA MSE D 122 -20.13 38.18 13.16
C MSE D 122 -19.84 39.67 12.98
O MSE D 122 -18.70 40.06 12.72
CB MSE D 122 -20.73 37.65 11.84
CG MSE D 122 -20.98 36.15 11.79
SE MSE D 122 -21.51 35.60 10.00
CE MSE D 122 -21.26 33.69 10.19
N ILE D 123 -20.88 40.48 13.08
CA ILE D 123 -20.77 41.93 12.91
C ILE D 123 -19.64 42.59 13.68
N PRO D 124 -19.43 42.22 14.95
CA PRO D 124 -18.35 42.84 15.73
C PRO D 124 -16.99 42.75 15.05
N HIS D 125 -16.81 41.74 14.19
CA HIS D 125 -15.54 41.55 13.50
C HIS D 125 -15.32 42.48 12.31
N MSE D 126 -16.33 43.29 12.01
CA MSE D 126 -16.26 44.27 10.92
C MSE D 126 -16.34 45.68 11.49
O MSE D 126 -16.58 46.64 10.77
CB MSE D 126 -17.41 44.09 9.95
CG MSE D 126 -17.27 42.93 8.99
SE MSE D 126 -18.96 42.69 8.09
CE MSE D 126 -18.63 43.64 6.46
N ALA D 127 -16.13 45.79 12.80
CA ALA D 127 -16.20 47.07 13.49
C ALA D 127 -15.23 48.14 12.97
N ASP D 128 -14.03 47.73 12.57
CA ASP D 128 -13.03 48.68 12.08
C ASP D 128 -13.07 48.91 10.58
N ALA D 129 -14.12 48.43 9.92
CA ALA D 129 -14.27 48.62 8.49
C ALA D 129 -14.66 50.07 8.22
N VAL D 130 -14.32 50.58 7.04
CA VAL D 130 -14.66 51.94 6.67
C VAL D 130 -15.26 51.95 5.28
N ALA D 131 -15.83 53.08 4.86
CA ALA D 131 -16.43 53.17 3.53
C ALA D 131 -15.35 52.85 2.50
N GLY D 132 -15.70 52.04 1.51
CA GLY D 132 -14.74 51.65 0.49
C GLY D 132 -14.35 50.18 0.67
N ASP D 133 -14.30 49.74 1.92
CA ASP D 133 -13.97 48.37 2.23
C ASP D 133 -15.03 47.44 1.64
N ILE D 134 -14.63 46.21 1.38
CA ILE D 134 -15.52 45.25 0.77
C ILE D 134 -16.01 44.14 1.68
N LEU D 135 -17.29 43.80 1.52
CA LEU D 135 -17.86 42.67 2.24
C LEU D 135 -18.13 41.67 1.12
N LEU D 136 -17.47 40.52 1.19
CA LEU D 136 -17.63 39.48 0.19
C LEU D 136 -18.34 38.29 0.83
N GLN D 137 -19.41 37.82 0.19
CA GLN D 137 -20.18 36.67 0.69
C GLN D 137 -20.40 35.65 -0.41
N GLN D 138 -20.66 34.41 0.00
CA GLN D 138 -20.96 33.35 -0.95
C GLN D 138 -22.37 32.90 -0.59
N GLY D 139 -22.73 31.67 -0.94
CA GLY D 139 -24.09 31.22 -0.65
C GLY D 139 -24.31 30.21 0.46
N ASN D 140 -23.45 30.22 1.49
CA ASN D 140 -23.61 29.25 2.57
C ASN D 140 -24.51 29.66 3.74
N PHE D 141 -24.97 30.90 3.77
CA PHE D 141 -25.86 31.34 4.84
C PHE D 141 -27.30 31.40 4.36
N SER D 142 -28.22 31.52 5.30
CA SER D 142 -29.64 31.61 4.97
C SER D 142 -29.90 32.93 4.26
N LEU D 143 -31.09 33.05 3.67
CA LEU D 143 -31.44 34.28 2.99
C LEU D 143 -31.40 35.45 3.97
N ASP D 144 -31.99 35.24 5.15
CA ASP D 144 -32.04 36.29 6.17
C ASP D 144 -30.66 36.72 6.66
N LYS D 145 -29.80 35.74 6.93
CA LYS D 145 -28.46 36.03 7.43
C LYS D 145 -27.63 36.76 6.36
N THR D 146 -27.74 36.30 5.12
CA THR D 146 -27.01 36.90 4.01
C THR D 146 -27.48 38.34 3.81
N ARG D 147 -28.79 38.54 3.70
CA ARG D 147 -29.33 39.87 3.50
C ARG D 147 -28.92 40.83 4.62
N ALA D 148 -29.01 40.33 5.85
CA ALA D 148 -28.65 41.13 7.03
C ALA D 148 -27.20 41.62 6.96
N LEU D 149 -26.28 40.71 6.64
CA LEU D 149 -24.88 41.09 6.54
C LEU D 149 -24.68 42.14 5.46
N PHE D 150 -25.36 42.00 4.33
CA PHE D 150 -25.26 42.97 3.26
C PHE D 150 -25.86 44.32 3.66
N GLN D 151 -26.96 44.31 4.42
CA GLN D 151 -27.58 45.56 4.85
C GLN D 151 -26.62 46.27 5.79
N TYR D 152 -25.93 45.49 6.63
CA TYR D 152 -24.95 46.08 7.54
C TYR D 152 -23.84 46.71 6.73
N ALA D 153 -23.39 46.01 5.68
CA ALA D 153 -22.33 46.51 4.81
C ALA D 153 -22.77 47.87 4.28
N ARG D 154 -23.96 47.92 3.70
CA ARG D 154 -24.50 49.18 3.23
C ARG D 154 -24.68 49.86 4.58
N SER D 155 -24.89 51.16 4.61
CA SER D 155 -25.05 51.86 5.90
C SER D 155 -23.66 52.11 6.48
N ARG D 156 -22.73 51.18 6.23
CA ARG D 156 -21.35 51.38 6.67
C ARG D 156 -20.59 51.94 5.47
N GLY D 157 -21.25 51.95 4.32
CA GLY D 157 -20.65 52.45 3.11
C GLY D 157 -19.68 51.47 2.46
N MSE D 158 -19.83 50.18 2.75
CA MSE D 158 -18.96 49.16 2.17
C MSE D 158 -19.47 48.68 0.81
O MSE D 158 -20.66 48.75 0.52
CB MSE D 158 -18.87 47.95 3.11
CG MSE D 158 -18.24 48.25 4.46
SE MSE D 158 -18.38 46.77 5.71
CE MSE D 158 -16.84 45.75 5.08
N THR D 159 -18.54 48.23 -0.03
CA THR D 159 -18.89 47.72 -1.35
C THR D 159 -19.29 46.25 -1.12
N THR D 160 -20.35 45.82 -1.79
CA THR D 160 -20.84 44.45 -1.63
C THR D 160 -20.53 43.54 -2.82
N VAL D 161 -19.99 42.35 -2.54
CA VAL D 161 -19.66 41.39 -3.58
C VAL D 161 -20.32 40.08 -3.21
N PHE D 162 -21.05 39.51 -4.16
CA PHE D 162 -21.81 38.29 -3.92
C PHE D 162 -21.61 37.19 -4.96
N ASN D 163 -21.32 36.00 -4.46
CA ASN D 163 -21.15 34.79 -5.28
C ASN D 163 -22.18 33.84 -4.67
N PRO D 164 -23.42 33.84 -5.23
CA PRO D 164 -24.53 33.00 -4.77
C PRO D 164 -24.36 31.51 -5.02
N SER D 165 -23.34 30.95 -4.38
CA SER D 165 -23.00 29.55 -4.53
C SER D 165 -22.60 29.00 -3.16
N PRO D 166 -23.22 27.90 -2.71
CA PRO D 166 -24.28 27.18 -3.42
C PRO D 166 -25.52 28.06 -3.58
N VAL D 167 -26.30 27.78 -4.61
CA VAL D 167 -27.47 28.57 -4.89
C VAL D 167 -28.64 28.32 -3.94
N ASN D 168 -29.43 29.38 -3.75
CA ASN D 168 -30.62 29.37 -2.92
C ASN D 168 -31.57 30.19 -3.79
N PRO D 169 -32.67 29.60 -4.26
CA PRO D 169 -33.62 30.33 -5.10
C PRO D 169 -34.05 31.69 -4.56
N ASP D 170 -34.08 31.83 -3.24
CA ASP D 170 -34.50 33.07 -2.59
C ASP D 170 -33.47 34.20 -2.72
N PHE D 171 -32.27 33.87 -3.17
CA PHE D 171 -31.22 34.88 -3.32
C PHE D 171 -31.57 35.86 -4.43
N CYS D 172 -32.54 35.51 -5.26
CA CYS D 172 -32.94 36.39 -6.37
C CYS D 172 -33.53 37.71 -5.90
N HIS D 173 -33.72 37.84 -4.59
CA HIS D 173 -34.29 39.06 -4.02
C HIS D 173 -33.22 40.01 -3.49
N LEU D 174 -31.96 39.56 -3.52
CA LEU D 174 -30.83 40.35 -3.02
C LEU D 174 -30.16 41.34 -3.96
N TRP D 175 -30.40 41.19 -5.26
CA TRP D 175 -29.74 42.04 -6.24
C TRP D 175 -29.62 43.53 -5.94
N PRO D 176 -30.66 44.14 -5.33
CA PRO D 176 -30.58 45.58 -5.02
C PRO D 176 -29.43 45.93 -4.06
N LEU D 177 -29.05 44.98 -3.21
CA LEU D 177 -27.99 45.20 -2.24
C LEU D 177 -26.60 44.84 -2.74
N ILE D 178 -26.52 44.35 -3.97
CA ILE D 178 -25.25 43.90 -4.54
C ILE D 178 -24.57 44.83 -5.53
N ASP D 179 -23.29 45.13 -5.30
CA ASP D 179 -22.52 45.97 -6.21
C ASP D 179 -21.86 45.14 -7.31
N ILE D 180 -21.31 44.00 -6.91
CA ILE D 180 -20.63 43.11 -7.84
C ILE D 180 -21.14 41.69 -7.65
N ALA D 181 -21.66 41.11 -8.72
CA ALA D 181 -22.17 39.74 -8.65
C ALA D 181 -21.31 38.84 -9.53
N VAL D 182 -20.95 37.68 -9.00
CA VAL D 182 -20.16 36.71 -9.76
C VAL D 182 -20.94 35.40 -9.72
N VAL D 183 -21.38 34.94 -10.88
CA VAL D 183 -22.16 33.72 -11.00
C VAL D 183 -21.68 32.87 -12.18
N ASN D 184 -22.12 31.61 -12.23
CA ASN D 184 -21.79 30.73 -13.36
C ASN D 184 -23.07 30.74 -14.20
N GLU D 185 -23.05 30.18 -15.42
CA GLU D 185 -24.26 30.22 -16.25
C GLU D 185 -25.52 29.67 -15.60
N SER D 186 -25.38 28.63 -14.78
CA SER D 186 -26.53 28.03 -14.11
C SER D 186 -27.18 29.03 -13.15
N GLU D 187 -26.35 29.64 -12.31
CA GLU D 187 -26.83 30.63 -11.34
C GLU D 187 -27.35 31.88 -12.07
N ALA D 188 -26.72 32.24 -13.18
CA ALA D 188 -27.15 33.41 -13.93
C ALA D 188 -28.57 33.26 -14.42
N GLU D 189 -28.94 32.05 -14.83
CA GLU D 189 -30.28 31.80 -15.33
C GLU D 189 -31.28 31.58 -14.20
N LEU D 190 -30.85 30.86 -13.18
CA LEU D 190 -31.73 30.56 -12.05
C LEU D 190 -32.07 31.79 -11.20
N LEU D 191 -31.06 32.64 -10.95
CA LEU D 191 -31.27 33.82 -10.12
C LEU D 191 -31.52 35.10 -10.89
N GLN D 192 -31.27 35.07 -12.20
CA GLN D 192 -31.48 36.24 -13.04
C GLN D 192 -31.02 37.58 -12.44
N PRO D 193 -29.71 37.74 -12.21
CA PRO D 193 -29.27 39.01 -11.65
C PRO D 193 -29.62 40.17 -12.57
N TYR D 194 -30.10 41.27 -12.00
CA TYR D 194 -30.50 42.44 -12.78
C TYR D 194 -30.07 43.73 -12.09
N GLY D 195 -29.85 44.76 -12.88
CA GLY D 195 -29.47 46.06 -12.34
C GLY D 195 -28.18 46.11 -11.53
N VAL D 196 -27.41 45.04 -11.56
CA VAL D 196 -26.15 45.04 -10.81
C VAL D 196 -25.10 45.75 -11.64
N LYS D 197 -24.40 46.69 -11.02
CA LYS D 197 -23.37 47.47 -11.71
C LYS D 197 -22.32 46.60 -12.39
N THR D 198 -21.86 45.57 -11.69
CA THR D 198 -20.88 44.66 -12.27
C THR D 198 -21.39 43.23 -12.15
N LEU D 199 -21.55 42.58 -13.29
CA LEU D 199 -22.00 41.20 -13.33
C LEU D 199 -20.99 40.39 -14.12
N VAL D 200 -20.49 39.31 -13.52
CA VAL D 200 -19.55 38.44 -14.21
C VAL D 200 -20.20 37.07 -14.27
N ILE D 201 -20.21 36.48 -15.47
CA ILE D 201 -20.80 35.16 -15.66
C ILE D 201 -19.70 34.23 -16.15
N THR D 202 -19.33 33.27 -15.31
CA THR D 202 -18.28 32.31 -15.65
C THR D 202 -18.86 31.08 -16.33
N GLN D 203 -18.13 30.56 -17.30
CA GLN D 203 -18.56 29.39 -18.04
C GLN D 203 -17.46 28.34 -18.22
N GLY D 204 -16.81 28.01 -17.12
CA GLY D 204 -15.75 27.02 -17.15
C GLY D 204 -14.70 27.23 -18.23
N ALA D 205 -14.36 26.15 -18.92
CA ALA D 205 -13.36 26.20 -19.99
C ALA D 205 -13.81 27.10 -21.13
N ALA D 206 -15.08 27.51 -21.12
CA ALA D 206 -15.63 28.37 -22.15
C ALA D 206 -15.51 29.87 -21.83
N GLY D 207 -14.59 30.22 -20.94
CA GLY D 207 -14.39 31.62 -20.60
C GLY D 207 -15.35 32.21 -19.58
N ALA D 208 -15.56 33.53 -19.70
CA ALA D 208 -16.44 34.25 -18.78
C ALA D 208 -16.83 35.59 -19.37
N TRP D 209 -17.98 36.11 -18.96
CA TRP D 209 -18.46 37.39 -19.45
C TRP D 209 -18.43 38.48 -18.39
N LEU D 210 -18.25 39.72 -18.83
CA LEU D 210 -18.29 40.89 -17.95
C LEU D 210 -19.43 41.74 -18.48
N VAL D 211 -20.45 41.96 -17.65
CA VAL D 211 -21.61 42.72 -18.05
C VAL D 211 -21.80 43.93 -17.14
N GLN D 212 -21.80 45.12 -17.73
CA GLN D 212 -21.95 46.34 -16.96
C GLN D 212 -23.08 47.21 -17.49
N GLU D 213 -22.79 48.47 -17.85
CA GLU D 213 -23.83 49.34 -18.37
C GLU D 213 -24.23 48.89 -19.76
N GLY D 214 -24.79 47.70 -19.86
CA GLY D 214 -25.22 47.17 -21.15
C GLY D 214 -24.05 46.64 -21.96
N GLN D 215 -22.84 47.05 -21.62
CA GLN D 215 -21.64 46.59 -22.33
C GLN D 215 -21.34 45.14 -22.00
N ARG D 216 -21.01 44.36 -23.03
CA ARG D 216 -20.70 42.95 -22.85
C ARG D 216 -19.30 42.66 -23.36
N GLN D 217 -18.47 42.06 -22.50
CA GLN D 217 -17.11 41.71 -22.88
C GLN D 217 -16.86 40.24 -22.54
N PHE D 218 -16.37 39.49 -23.51
CA PHE D 218 -16.11 38.08 -23.27
C PHE D 218 -14.63 37.85 -23.03
N CYS D 219 -14.31 37.01 -22.05
CA CYS D 219 -12.93 36.68 -21.73
C CYS D 219 -12.64 35.20 -21.89
N PRO D 220 -11.88 34.84 -22.93
CA PRO D 220 -11.52 33.43 -23.19
C PRO D 220 -10.79 32.82 -22.00
N ALA D 221 -11.02 31.54 -21.76
CA ALA D 221 -10.34 30.85 -20.68
C ALA D 221 -8.91 30.56 -21.12
N VAL D 222 -8.03 30.32 -20.15
CA VAL D 222 -6.64 30.01 -20.46
C VAL D 222 -6.52 28.50 -20.59
N PRO D 223 -6.22 28.02 -21.80
CA PRO D 223 -6.06 26.59 -22.07
C PRO D 223 -5.25 25.90 -20.98
N ALA D 224 -5.86 24.95 -20.28
CA ALA D 224 -5.18 24.24 -19.21
C ALA D 224 -5.45 22.75 -19.28
N GLU D 225 -4.52 21.96 -18.75
CA GLU D 225 -4.67 20.51 -18.76
C GLU D 225 -6.04 20.18 -18.20
N ALA D 226 -6.16 20.24 -16.87
CA ALA D 226 -7.39 19.96 -16.12
C ALA D 226 -7.26 18.66 -15.36
N LEU D 227 -6.74 18.76 -14.14
CA LEU D 227 -6.53 17.61 -13.29
C LEU D 227 -7.61 17.58 -12.21
N ASP D 228 -7.93 18.75 -11.67
CA ASP D 228 -8.94 18.87 -10.63
C ASP D 228 -9.50 20.30 -10.67
N THR D 229 -10.77 20.43 -11.05
CA THR D 229 -11.41 21.73 -11.17
C THR D 229 -11.91 22.36 -9.87
N THR D 230 -11.79 21.65 -8.75
CA THR D 230 -12.25 22.21 -7.48
C THR D 230 -11.59 23.54 -7.19
N GLY D 231 -12.39 24.53 -6.76
CA GLY D 231 -11.85 25.83 -6.44
C GLY D 231 -11.57 26.77 -7.59
N ALA D 232 -11.84 26.37 -8.81
CA ALA D 232 -11.59 27.22 -9.98
C ALA D 232 -12.39 28.52 -9.92
N GLY D 233 -13.68 28.42 -9.58
CA GLY D 233 -14.51 29.60 -9.50
C GLY D 233 -14.07 30.54 -8.39
N ASP D 234 -13.65 29.95 -7.26
CA ASP D 234 -13.21 30.76 -6.14
C ASP D 234 -11.91 31.48 -6.49
N THR D 235 -11.05 30.79 -7.22
CA THR D 235 -9.78 31.37 -7.63
C THR D 235 -10.06 32.54 -8.57
N PHE D 236 -10.97 32.31 -9.50
CA PHE D 236 -11.34 33.33 -10.48
C PHE D 236 -11.87 34.59 -9.83
N LEU D 237 -12.83 34.44 -8.93
CA LEU D 237 -13.42 35.59 -8.25
C LEU D 237 -12.39 36.37 -7.44
N ALA D 238 -11.59 35.66 -6.65
CA ALA D 238 -10.61 36.30 -5.80
C ALA D 238 -9.57 37.12 -6.57
N VAL D 239 -9.01 36.51 -7.61
CA VAL D 239 -7.98 37.17 -8.42
C VAL D 239 -8.53 38.33 -9.25
N MSE D 240 -9.77 38.19 -9.73
CA MSE D 240 -10.40 39.27 -10.48
C MSE D 240 -10.57 40.48 -9.57
O MSE D 240 -10.35 41.63 -9.98
CB MSE D 240 -11.78 38.85 -10.98
CG MSE D 240 -12.57 40.00 -11.59
SE MSE D 240 -14.47 39.66 -11.55
CE MSE D 240 -14.81 40.09 -9.69
N LEU D 241 -10.99 40.24 -8.34
CA LEU D 241 -11.21 41.30 -7.37
C LEU D 241 -9.88 41.92 -6.95
N ALA D 242 -8.88 41.09 -6.66
CA ALA D 242 -7.56 41.57 -6.26
C ALA D 242 -6.98 42.44 -7.38
N SER D 243 -7.13 41.96 -8.61
CA SER D 243 -6.61 42.70 -9.76
C SER D 243 -7.21 44.09 -9.87
N ALA D 244 -8.53 44.18 -9.73
CA ALA D 244 -9.21 45.46 -9.82
C ALA D 244 -8.79 46.34 -8.66
N LEU D 245 -8.69 45.74 -7.47
CA LEU D 245 -8.29 46.48 -6.27
C LEU D 245 -6.90 47.08 -6.44
N LEU D 246 -5.94 46.24 -6.80
CA LEU D 246 -4.56 46.68 -6.96
C LEU D 246 -4.41 47.82 -7.97
N ARG D 247 -5.30 47.87 -8.96
CA ARG D 247 -5.22 48.93 -9.96
C ARG D 247 -6.23 50.05 -9.72
N GLY D 248 -6.92 50.01 -8.58
CA GLY D 248 -7.88 51.05 -8.25
C GLY D 248 -9.08 51.25 -9.16
N VAL D 249 -9.59 50.16 -9.74
CA VAL D 249 -10.75 50.25 -10.63
C VAL D 249 -11.88 49.30 -10.27
N ALA D 250 -12.95 49.38 -11.04
CA ALA D 250 -14.08 48.47 -10.86
C ALA D 250 -13.66 47.32 -11.76
N PRO D 251 -14.21 46.11 -11.55
CA PRO D 251 -13.81 44.99 -12.41
C PRO D 251 -13.88 45.33 -13.90
N ASP D 252 -12.81 45.01 -14.62
CA ASP D 252 -12.74 45.30 -16.04
C ASP D 252 -12.16 44.12 -16.81
N ALA D 253 -12.07 44.26 -18.12
CA ALA D 253 -11.56 43.21 -19.00
C ALA D 253 -10.22 42.60 -18.57
N LEU D 254 -9.27 43.44 -18.14
CA LEU D 254 -7.97 42.94 -17.72
C LEU D 254 -8.04 42.11 -16.43
N ALA D 255 -8.96 42.47 -15.55
CA ALA D 255 -9.11 41.74 -14.29
C ALA D 255 -9.58 40.32 -14.60
N LEU D 256 -10.47 40.19 -15.58
CA LEU D 256 -10.97 38.87 -15.97
C LEU D 256 -9.85 38.05 -16.61
N ALA D 257 -8.96 38.72 -17.33
CA ALA D 257 -7.84 38.06 -17.99
C ALA D 257 -6.90 37.47 -16.93
N HIS D 258 -6.63 38.26 -15.90
CA HIS D 258 -5.76 37.84 -14.81
C HIS D 258 -6.41 36.66 -14.08
N ALA D 259 -7.70 36.78 -13.80
CA ALA D 259 -8.43 35.73 -13.12
C ALA D 259 -8.36 34.42 -13.91
N SER D 260 -8.45 34.52 -15.23
CA SER D 260 -8.40 33.32 -16.08
C SER D 260 -7.07 32.59 -15.93
N ARG D 261 -5.98 33.36 -15.93
CA ARG D 261 -4.64 32.78 -15.78
C ARG D 261 -4.53 32.01 -14.47
N ALA D 262 -4.99 32.63 -13.39
CA ALA D 262 -4.92 32.00 -12.07
C ALA D 262 -5.81 30.76 -11.99
N ALA D 263 -7.04 30.87 -12.47
CA ALA D 263 -7.97 29.74 -12.43
C ALA D 263 -7.36 28.55 -13.16
N ALA D 264 -6.66 28.83 -14.26
CA ALA D 264 -6.01 27.77 -15.04
C ALA D 264 -5.01 27.00 -14.19
N ILE D 265 -4.32 27.69 -13.30
CA ILE D 265 -3.34 27.03 -12.45
C ILE D 265 -4.08 26.08 -11.51
N THR D 266 -5.17 26.56 -10.92
CA THR D 266 -5.96 25.76 -10.00
C THR D 266 -6.52 24.50 -10.65
N VAL D 267 -7.06 24.64 -11.86
CA VAL D 267 -7.62 23.48 -12.54
C VAL D 267 -6.55 22.45 -12.91
N SER D 268 -5.32 22.90 -13.07
CA SER D 268 -4.22 22.00 -13.43
C SER D 268 -3.63 21.26 -12.25
N ARG D 269 -4.08 21.57 -11.04
CA ARG D 269 -3.57 20.91 -9.84
C ARG D 269 -4.67 20.23 -9.03
N ARG D 270 -4.27 19.27 -8.20
CA ARG D 270 -5.21 18.51 -7.37
C ARG D 270 -5.41 19.10 -5.98
N GLY D 271 -6.61 18.90 -5.43
CA GLY D 271 -6.93 19.39 -4.11
C GLY D 271 -7.64 20.72 -4.12
N THR D 272 -7.69 21.37 -2.97
CA THR D 272 -8.33 22.67 -2.84
C THR D 272 -7.23 23.67 -2.50
N LEU D 273 -6.99 23.87 -1.21
CA LEU D 273 -5.95 24.78 -0.77
C LEU D 273 -4.62 24.45 -1.44
N SER D 274 -4.26 23.17 -1.46
CA SER D 274 -3.00 22.74 -2.05
C SER D 274 -2.94 22.95 -3.56
N ALA D 275 -4.09 23.21 -4.17
CA ALA D 275 -4.13 23.42 -5.61
C ALA D 275 -4.03 24.90 -6.03
N PHE D 276 -4.22 25.81 -5.09
CA PHE D 276 -4.19 27.24 -5.43
C PHE D 276 -2.79 27.78 -5.73
N PRO D 277 -2.71 28.79 -6.61
CA PRO D 277 -1.42 29.40 -6.96
C PRO D 277 -0.84 30.18 -5.77
N GLY D 278 0.48 30.28 -5.72
CA GLY D 278 1.13 31.00 -4.63
C GLY D 278 1.29 32.49 -4.90
N SER D 279 1.59 33.25 -3.85
CA SER D 279 1.77 34.70 -3.93
C SER D 279 2.65 35.02 -5.12
N ARG D 280 3.68 34.20 -5.20
CA ARG D 280 4.69 34.20 -6.23
C ARG D 280 4.08 34.31 -7.63
N GLU D 281 3.46 33.21 -8.05
CA GLU D 281 2.84 33.13 -9.36
C GLU D 281 1.82 34.25 -9.56
N LEU D 282 1.12 34.59 -8.49
CA LEU D 282 0.10 35.63 -8.54
C LEU D 282 0.68 37.01 -8.87
N ALA D 283 1.74 37.39 -8.20
CA ALA D 283 2.39 38.68 -8.43
C ALA D 283 2.79 38.81 -9.90
N ALA D 284 3.51 37.80 -10.40
CA ALA D 284 3.95 37.82 -11.79
C ALA D 284 2.73 37.91 -12.70
N LEU D 285 1.74 37.08 -12.39
CA LEU D 285 0.49 37.01 -13.12
C LEU D 285 -0.22 38.36 -13.15
N LEU D 286 -0.31 39.01 -11.99
CA LEU D 286 -0.98 40.30 -11.88
C LEU D 286 -0.28 41.46 -12.58
N THR D 287 0.95 41.24 -13.03
CA THR D 287 1.69 42.30 -13.72
C THR D 287 1.07 42.56 -15.09
PG ATP E . 19.61 -27.07 10.71
O1G ATP E . 21.09 -26.78 10.72
O2G ATP E . 18.78 -25.82 10.82
O3G ATP E . 19.23 -27.87 9.46
PB ATP E . 20.36 -28.84 12.95
O1B ATP E . 21.26 -29.73 12.09
O2B ATP E . 20.95 -27.87 13.92
O3B ATP E . 19.36 -27.95 12.06
PA ATP E . 19.01 -31.39 13.64
O1A ATP E . 18.54 -31.72 12.25
O2A ATP E . 20.17 -32.12 14.25
O3A ATP E . 19.30 -29.78 13.74
O5' ATP E . 17.80 -31.08 14.96
C5' ATP E . 17.01 -30.40 15.85
C4' ATP E . 16.19 -31.36 16.67
O4' ATP E . 14.97 -31.11 15.95
C3' ATP E . 16.28 -32.90 16.49
O3' ATP E . 17.17 -33.54 17.42
C2' ATP E . 14.86 -33.30 16.60
O2' ATP E . 14.42 -33.44 17.96
C1' ATP E . 14.12 -32.23 15.87
N9 ATP E . 13.86 -32.69 14.46
C8 ATP E . 14.57 -32.43 13.29
N7 ATP E . 13.98 -33.03 12.22
C5 ATP E . 12.89 -33.69 12.67
C6 ATP E . 11.78 -34.53 12.11
N6 ATP E . 11.75 -34.82 10.79
N1 ATP E . 10.80 -35.04 12.97
C2 ATP E . 10.79 -34.78 14.33
N3 ATP E . 11.77 -34.01 14.91
C4 ATP E . 12.81 -33.44 14.15
PG ATP F . -26.78 -8.05 5.71
O1G ATP F . -26.68 -8.25 4.22
O2G ATP F . -25.46 -8.30 6.40
O3G ATP F . -27.30 -6.65 6.02
PB ATP F . -28.02 -10.73 5.86
O1B ATP F . -28.71 -10.94 4.52
O2B ATP F . -26.69 -11.34 6.15
O3B ATP F . -27.85 -9.17 6.22
PA ATP F . -30.62 -11.46 6.96
O1A ATP F . -31.32 -10.23 6.43
O2A ATP F . -30.83 -12.79 6.32
O3A ATP F . -29.02 -11.18 7.03
O5' ATP F . -30.46 -11.76 8.74
C5' ATP F . -29.93 -11.74 10.00
C4' ATP F . -30.90 -12.44 10.93
O4' ATP F . -31.37 -11.22 11.49
C3' ATP F . -32.23 -13.06 10.44
O3' ATP F . -32.17 -14.47 10.19
C2' ATP F . -33.15 -12.66 11.54
O2' ATP F . -33.05 -13.53 12.68
C1' ATP F . -32.73 -11.27 11.87
N9 ATP F . -33.56 -10.27 11.11
C8 ATP F . -33.32 -9.63 9.92
N7 ATP F . -34.34 -8.79 9.58
C5 ATP F . -35.24 -8.86 10.57
C6 ATP F . -36.58 -8.28 10.89
N6 ATP F . -37.13 -7.38 10.06
N1 ATP F . -37.23 -8.65 12.07
C2 ATP F . -36.71 -9.57 12.98
N3 ATP F . -35.48 -10.16 12.74
C4 ATP F . -34.74 -9.86 11.57
PG ATP G . 21.77 -7.83 -22.27
O1G ATP G . 20.39 -8.21 -22.75
O2G ATP G . 21.88 -6.36 -22.01
O3G ATP G . 22.12 -8.63 -21.00
PB ATP G . 22.51 -8.77 -24.97
O1B ATP G . 22.88 -10.23 -25.11
O2B ATP G . 21.15 -8.29 -25.33
O3B ATP G . 22.76 -8.23 -23.46
PA ATP G . 25.10 -8.21 -26.21
O1A ATP G . 25.87 -8.73 -25.02
O2A ATP G . 25.05 -9.01 -27.45
O3A ATP G . 23.57 -7.85 -25.75
O5' ATP G . 25.19 -6.49 -26.73
C5' ATP G . 24.91 -5.16 -26.87
C4' ATP G . 25.91 -4.55 -27.81
O4' ATP G . 26.66 -3.98 -26.73
C3' ATP G . 27.05 -5.37 -28.49
O3' ATP G . 26.75 -5.76 -29.82
C2' ATP G . 28.20 -4.45 -28.35
O2' ATP G . 28.22 -3.42 -29.34
C1' ATP G . 28.05 -3.90 -26.98
N9 ATP G . 28.84 -4.75 -26.01
C8 ATP G . 28.44 -5.82 -25.24
N7 ATP G . 29.46 -6.30 -24.51
C5 ATP G . 30.52 -5.54 -24.79
C6 ATP G . 31.96 -5.48 -24.38
N6 ATP G . 32.43 -6.36 -23.49
N1 ATP G . 32.78 -4.49 -24.95
C2 ATP G . 32.33 -3.57 -25.88
N3 ATP G . 31.02 -3.58 -26.30
C4 ATP G . 30.11 -4.53 -25.80
C1 GOL H . 16.50 -6.36 -15.53
O1 GOL H . 15.40 -5.67 -14.95
C2 GOL H . 16.98 -5.60 -16.76
O2 GOL H . 17.39 -4.28 -16.36
C3 GOL H . 18.17 -6.35 -17.38
O3 GOL H . 18.63 -5.66 -18.55
PG ATP I . -16.81 26.06 -8.79
O1G ATP I . -18.06 25.49 -8.18
O2G ATP I . -16.41 27.37 -8.14
O3G ATP I . -15.66 25.04 -8.71
PB ATP I . -17.95 27.56 -11.03
O1B ATP I . -19.11 27.08 -11.87
O2B ATP I . -18.16 28.56 -9.93
O3B ATP I . -17.18 26.34 -10.32
PA ATP I . -16.57 27.76 -13.59
O1A ATP I . -16.46 26.27 -13.82
O2A ATP I . -17.57 28.56 -14.35
O3A ATP I . -16.77 28.08 -11.99
O5' ATP I . -15.07 28.79 -13.48
C5' ATP I . -14.02 29.47 -12.96
C4' ATP I . -13.23 30.08 -14.09
O4' ATP I . -12.18 29.11 -14.01
C3' ATP I . -13.63 29.92 -15.58
O3' ATP I . -14.38 31.00 -16.11
C2' ATP I . -12.31 29.73 -16.22
O2' ATP I . -11.62 30.96 -16.45
C1' ATP I . -11.58 28.84 -15.26
N9 ATP I . -11.75 27.40 -15.67
C8 ATP I . -12.69 26.47 -15.30
N7 ATP I . -12.48 25.29 -15.91
C5 ATP I . -11.40 25.43 -16.69
C6 ATP I . -10.60 24.57 -17.64
N6 ATP I . -10.94 23.30 -17.85
N1 ATP I . -9.49 25.14 -18.28
C2 ATP I . -9.09 26.45 -18.10
N3 ATP I . -9.79 27.28 -17.25
C4 ATP I . -10.92 26.83 -16.54
C1 GOL J . -16.10 23.09 -0.93
O1 GOL J . -15.89 23.21 0.48
C2 GOL J . -15.41 24.24 -1.67
O2 GOL J . -14.00 24.19 -1.41
C3 GOL J . -15.65 24.11 -3.17
O3 GOL J . -15.01 25.18 -3.86
#